data_8Z43
#
_entry.id   8Z43
#
_cell.length_a   144.699
_cell.length_b   51.062
_cell.length_c   180.085
_cell.angle_alpha   90.000
_cell.angle_beta   90.415
_cell.angle_gamma   90.000
#
_symmetry.space_group_name_H-M   'I 1 2 1'
#
loop_
_entity.id
_entity.type
_entity.pdbx_description
1 polymer Beta-galactosidase
2 non-polymer GLYCEROL
3 water water
#
_entity_poly.entity_id   1
_entity_poly.type   'polypeptide(L)'
_entity_poly.pdbx_seq_one_letter_code
;MRPPMYTSTNTEVPSRLVKNEHGSWQLIVNGKPFIMLAGELHNSSASTTEYLNSLWTSLKTLNLNTVLAPIAWEQFEPQE
GIFDYTLINNMIDGARKNGFKLSILWFGSWKNGESSYAPTWVKEDTKRFFRVKSVEGKEIETISPFCENAMKADAKAFKT
LVEHIKKVDQATGTVIALQPENEVGIFQGMDYSKASLAAYEQEVPQALIQYMKKNRKNLRKELLSVWEENGARTSGAWKT
VFGDNAWSKSFYTTWQYATYIDFISAGAKEIYPLPTFCNCWLVQKPDDMPGVYPNGGPVSRVMDIWKAAAPHIDVLAPDI
YLSDFKNIVADYHRADNPLLIPGAVMKPANAFWAFGEHSALCYSPFGIEDGADNFVFAQSYKVLNELIPLISEHQGSDRM
IGVMKMPGESERTVTMGDYQLCIKYDAEDAYGLIIQTGKNEFVVAGINFKVYFTSTDKKKTGYIKQVWEGGYDTDGEWKA
TRLLNGDETYHNAVLIAKGRRTFTSEKSNNYNADHSDEIFVYSPTSYQAVWSPGIYRVTTYLRLEHHHHHH
;
_entity_poly.pdbx_strand_id   A,B
#
loop_
_chem_comp.id
_chem_comp.type
_chem_comp.name
_chem_comp.formula
GOL non-polymer GLYCEROL 'C3 H8 O3'
#
# COMPACT_ATOMS: atom_id res chain seq x y z
N VAL A 13 -18.01 31.10 24.52
CA VAL A 13 -17.35 31.14 23.18
C VAL A 13 -17.26 29.73 22.62
N PRO A 14 -17.55 29.52 21.33
CA PRO A 14 -17.55 28.17 20.78
C PRO A 14 -16.20 27.61 20.36
N SER A 15 -15.13 28.42 20.52
CA SER A 15 -13.76 28.02 20.23
C SER A 15 -12.83 28.53 21.32
N ARG A 16 -12.00 27.64 21.86
CA ARG A 16 -11.05 28.03 22.89
C ARG A 16 -9.85 27.09 22.90
N LEU A 17 -8.73 27.60 23.42
CA LEU A 17 -7.52 26.83 23.60
C LEU A 17 -7.42 26.31 25.03
N VAL A 18 -7.26 24.99 25.19
CA VAL A 18 -7.26 24.38 26.51
C VAL A 18 -6.12 23.39 26.56
N LYS A 19 -5.40 23.40 27.67
CA LYS A 19 -4.25 22.53 27.88
C LYS A 19 -4.74 21.17 28.40
N ASN A 20 -4.27 20.09 27.77
CA ASN A 20 -4.67 18.73 28.12
C ASN A 20 -3.77 18.15 29.22
N GLU A 21 -4.04 16.89 29.56
CA GLU A 21 -3.32 16.22 30.63
C GLU A 21 -1.81 16.18 30.37
N HIS A 22 -1.38 16.21 29.08
CA HIS A 22 0.02 16.16 28.72
C HIS A 22 0.66 17.54 28.67
N GLY A 23 -0.14 18.58 28.93
CA GLY A 23 0.37 19.94 28.87
C GLY A 23 0.46 20.46 27.43
N SER A 24 -0.21 19.82 26.45
CA SER A 24 -0.28 20.30 25.08
C SER A 24 -1.54 21.16 24.92
N TRP A 25 -1.46 22.23 24.13
CA TRP A 25 -2.62 23.05 23.87
C TRP A 25 -3.45 22.39 22.77
N GLN A 26 -4.75 22.26 23.05
CA GLN A 26 -5.75 21.83 22.09
C GLN A 26 -6.79 22.91 21.82
N LEU A 27 -7.27 22.93 20.58
CA LEU A 27 -8.34 23.79 20.16
C LEU A 27 -9.61 22.99 20.40
N ILE A 28 -10.52 23.52 21.21
CA ILE A 28 -11.79 22.86 21.51
C ILE A 28 -12.88 23.69 20.86
N VAL A 29 -13.59 23.10 19.92
CA VAL A 29 -14.53 23.80 19.08
C VAL A 29 -15.88 23.11 19.25
N ASN A 30 -16.90 23.86 19.61
CA ASN A 30 -18.20 23.28 19.87
C ASN A 30 -18.02 22.08 20.83
N GLY A 31 -17.06 22.20 21.76
CA GLY A 31 -16.88 21.26 22.86
C GLY A 31 -16.12 19.98 22.50
N LYS A 32 -15.60 19.87 21.27
CA LYS A 32 -14.78 18.72 20.90
C LYS A 32 -13.39 19.19 20.45
N PRO A 33 -12.34 18.38 20.67
CA PRO A 33 -11.01 18.68 20.11
C PRO A 33 -11.11 18.79 18.60
N PHE A 34 -10.40 19.78 18.04
CA PHE A 34 -10.48 20.10 16.63
C PHE A 34 -9.07 20.44 16.17
N ILE A 35 -8.69 19.86 15.03
CA ILE A 35 -7.42 20.18 14.42
C ILE A 35 -7.74 20.80 13.08
N MET A 36 -7.09 21.93 12.74
CA MET A 36 -7.40 22.62 11.49
C MET A 36 -6.65 21.97 10.33
N LEU A 37 -7.40 21.22 9.55
CA LEU A 37 -6.95 20.72 8.26
C LEU A 37 -7.32 21.78 7.23
N ALA A 38 -6.37 22.66 6.96
CA ALA A 38 -6.74 23.99 6.53
C ALA A 38 -6.05 24.35 5.23
N GLY A 39 -6.38 25.53 4.71
CA GLY A 39 -5.69 26.09 3.57
C GLY A 39 -5.99 27.57 3.61
N GLU A 40 -5.06 28.39 3.11
CA GLU A 40 -5.30 29.82 3.05
C GLU A 40 -5.59 30.21 1.60
N LEU A 41 -6.62 31.02 1.41
CA LEU A 41 -6.90 31.58 0.09
C LEU A 41 -5.78 32.54 -0.34
N HIS A 42 -5.58 32.67 -1.66
CA HIS A 42 -4.78 33.78 -2.20
C HIS A 42 -5.34 35.09 -1.65
N ASN A 43 -4.48 36.09 -1.50
CA ASN A 43 -4.78 37.31 -0.81
C ASN A 43 -6.08 37.99 -1.26
N SER A 44 -6.33 38.02 -2.58
CA SER A 44 -7.40 38.82 -3.15
C SER A 44 -8.67 38.01 -3.39
N SER A 45 -8.68 36.72 -2.99
CA SER A 45 -9.71 35.75 -3.35
C SER A 45 -11.02 35.94 -2.57
N ALA A 46 -10.98 36.73 -1.47
CA ALA A 46 -12.16 37.01 -0.67
C ALA A 46 -12.60 38.45 -0.82
N SER A 47 -12.18 39.10 -1.92
CA SER A 47 -12.43 40.52 -2.11
C SER A 47 -13.79 40.85 -2.74
N THR A 48 -14.48 39.87 -3.35
CA THR A 48 -15.87 40.01 -3.78
C THR A 48 -16.58 38.71 -3.38
N THR A 49 -17.91 38.74 -3.28
CA THR A 49 -18.66 37.54 -2.92
C THR A 49 -18.63 36.57 -4.09
N GLU A 50 -18.71 37.08 -5.32
CA GLU A 50 -18.70 36.22 -6.50
C GLU A 50 -17.39 35.41 -6.63
N TYR A 51 -16.23 36.07 -6.44
CA TYR A 51 -14.97 35.38 -6.63
C TYR A 51 -14.83 34.31 -5.56
N LEU A 52 -15.05 34.65 -4.27
CA LEU A 52 -15.02 33.65 -3.21
C LEU A 52 -16.00 32.50 -3.52
N ASN A 53 -17.24 32.83 -3.90
CA ASN A 53 -18.28 31.82 -4.05
C ASN A 53 -17.94 30.82 -5.15
N SER A 54 -17.11 31.22 -6.13
CA SER A 54 -16.67 30.33 -7.18
C SER A 54 -15.62 29.32 -6.71
N LEU A 55 -15.12 29.43 -5.46
CA LEU A 55 -14.06 28.61 -4.92
C LEU A 55 -14.54 27.45 -4.06
N TRP A 56 -15.77 27.48 -3.53
CA TRP A 56 -16.14 26.54 -2.46
C TRP A 56 -16.04 25.08 -2.89
N THR A 57 -16.43 24.77 -4.13
CA THR A 57 -16.45 23.38 -4.58
C THR A 57 -15.03 22.84 -4.74
N SER A 58 -14.11 23.65 -5.27
CA SER A 58 -12.68 23.36 -5.30
C SER A 58 -12.17 22.98 -3.92
N LEU A 59 -12.59 23.76 -2.92
CA LEU A 59 -12.06 23.62 -1.58
C LEU A 59 -12.56 22.31 -0.97
N LYS A 60 -13.81 21.92 -1.28
CA LYS A 60 -14.38 20.70 -0.75
C LYS A 60 -13.59 19.49 -1.27
N THR A 61 -13.11 19.57 -2.51
CA THR A 61 -12.41 18.44 -3.11
C THR A 61 -11.13 18.16 -2.34
N LEU A 62 -10.59 19.14 -1.59
CA LEU A 62 -9.34 18.94 -0.88
C LEU A 62 -9.55 18.44 0.54
N ASN A 63 -10.80 18.27 0.99
CA ASN A 63 -11.08 17.71 2.31
C ASN A 63 -10.62 18.61 3.46
N LEU A 64 -10.56 19.92 3.19
CA LEU A 64 -10.36 20.93 4.23
C LEU A 64 -11.45 20.80 5.30
N ASN A 65 -11.12 21.09 6.55
CA ASN A 65 -12.18 21.38 7.51
C ASN A 65 -12.23 22.87 7.89
N THR A 66 -11.21 23.64 7.46
CA THR A 66 -11.05 25.04 7.86
C THR A 66 -10.45 25.80 6.68
N VAL A 67 -10.94 27.01 6.47
CA VAL A 67 -10.42 27.92 5.47
C VAL A 67 -9.86 29.17 6.16
N LEU A 68 -8.62 29.54 5.82
CA LEU A 68 -8.10 30.82 6.29
C LEU A 68 -8.38 31.86 5.21
N ALA A 69 -9.14 32.89 5.54
CA ALA A 69 -9.54 33.90 4.57
C ALA A 69 -9.46 35.29 5.18
N PRO A 70 -9.01 36.29 4.41
CA PRO A 70 -8.88 37.66 4.92
C PRO A 70 -10.17 38.47 4.86
N ILE A 71 -10.31 39.38 5.83
CA ILE A 71 -11.15 40.58 5.77
C ILE A 71 -10.18 41.77 5.78
N ALA A 72 -10.36 42.67 4.79
CA ALA A 72 -9.47 43.80 4.57
C ALA A 72 -10.10 45.06 5.15
N TRP A 73 -9.30 45.80 5.93
CA TRP A 73 -9.80 46.99 6.60
C TRP A 73 -10.30 47.99 5.55
N GLU A 74 -9.60 48.07 4.40
CA GLU A 74 -9.94 49.03 3.37
C GLU A 74 -11.35 48.79 2.85
N GLN A 75 -11.81 47.55 2.90
CA GLN A 75 -13.15 47.19 2.45
C GLN A 75 -14.17 47.18 3.57
N PHE A 76 -13.72 46.83 4.78
CA PHE A 76 -14.65 46.68 5.89
C PHE A 76 -15.08 48.04 6.45
N GLU A 77 -14.15 49.02 6.44
CA GLU A 77 -14.45 50.39 6.85
C GLU A 77 -14.01 51.36 5.75
N PRO A 78 -14.78 51.41 4.64
CA PRO A 78 -14.31 52.14 3.45
C PRO A 78 -14.37 53.65 3.64
N GLN A 79 -15.27 54.13 4.52
CA GLN A 79 -15.24 55.48 5.06
C GLN A 79 -15.22 55.33 6.58
N GLU A 80 -14.50 56.23 7.26
CA GLU A 80 -14.38 56.14 8.72
C GLU A 80 -15.76 56.11 9.37
N GLY A 81 -16.01 55.10 10.19
CA GLY A 81 -17.28 54.97 10.91
C GLY A 81 -18.39 54.30 10.09
N ILE A 82 -18.13 53.98 8.81
CA ILE A 82 -19.09 53.30 7.95
C ILE A 82 -18.55 51.89 7.74
N PHE A 83 -19.29 50.86 8.15
CA PHE A 83 -18.82 49.49 8.04
C PHE A 83 -19.64 48.73 7.01
N ASP A 84 -18.95 47.87 6.26
CA ASP A 84 -19.61 47.11 5.24
C ASP A 84 -19.43 45.64 5.58
N TYR A 85 -20.55 44.98 5.97
CA TYR A 85 -20.51 43.60 6.44
C TYR A 85 -20.75 42.58 5.33
N THR A 86 -20.82 43.01 4.05
CA THR A 86 -21.11 42.13 2.93
C THR A 86 -20.18 40.92 2.88
N LEU A 87 -18.85 41.17 2.98
CA LEU A 87 -17.89 40.11 2.75
C LEU A 87 -17.83 39.13 3.93
N ILE A 88 -17.82 39.62 5.19
CA ILE A 88 -17.84 38.74 6.35
C ILE A 88 -19.12 37.90 6.30
N ASN A 89 -20.29 38.51 6.02
CA ASN A 89 -21.53 37.75 6.04
C ASN A 89 -21.50 36.63 4.99
N ASN A 90 -21.09 36.96 3.78
CA ASN A 90 -21.11 35.97 2.71
C ASN A 90 -20.10 34.85 2.99
N MET A 91 -18.97 35.20 3.60
CA MET A 91 -17.94 34.22 3.91
C MET A 91 -18.45 33.22 4.95
N ILE A 92 -19.09 33.72 6.00
CA ILE A 92 -19.62 32.83 7.02
C ILE A 92 -20.72 31.95 6.41
N ASP A 93 -21.59 32.55 5.57
CA ASP A 93 -22.69 31.82 4.96
C ASP A 93 -22.14 30.67 4.10
N GLY A 94 -21.15 31.01 3.25
CA GLY A 94 -20.51 30.05 2.37
C GLY A 94 -19.83 28.90 3.11
N ALA A 95 -19.07 29.26 4.15
CA ALA A 95 -18.40 28.30 4.99
C ALA A 95 -19.43 27.35 5.62
N ARG A 96 -20.52 27.89 6.17
CA ARG A 96 -21.59 27.05 6.71
C ARG A 96 -22.22 26.15 5.64
N LYS A 97 -22.47 26.69 4.45
CA LYS A 97 -23.09 25.90 3.40
C LYS A 97 -22.17 24.79 2.92
N ASN A 98 -20.86 24.98 2.99
CA ASN A 98 -19.97 23.98 2.44
C ASN A 98 -19.22 23.22 3.53
N GLY A 99 -19.61 23.35 4.82
CA GLY A 99 -19.09 22.50 5.88
C GLY A 99 -17.66 22.87 6.31
N PHE A 100 -17.29 24.16 6.27
CA PHE A 100 -15.98 24.61 6.74
C PHE A 100 -16.12 25.49 7.97
N LYS A 101 -15.08 25.44 8.80
CA LYS A 101 -14.80 26.47 9.78
C LYS A 101 -13.89 27.52 9.13
N LEU A 102 -13.79 28.68 9.79
CA LEU A 102 -13.04 29.84 9.32
C LEU A 102 -12.06 30.28 10.39
N SER A 103 -10.82 30.56 9.97
CA SER A 103 -9.95 31.43 10.71
C SER A 103 -9.86 32.74 9.92
N ILE A 104 -10.24 33.82 10.57
CA ILE A 104 -10.35 35.11 9.90
C ILE A 104 -9.04 35.84 10.02
N LEU A 105 -8.48 36.23 8.89
CA LEU A 105 -7.28 37.04 8.88
C LEU A 105 -7.68 38.51 8.75
N TRP A 106 -7.08 39.34 9.58
CA TRP A 106 -7.44 40.75 9.57
C TRP A 106 -6.30 41.51 8.91
N PHE A 107 -6.55 41.91 7.67
CA PHE A 107 -5.53 42.65 6.95
C PHE A 107 -5.80 44.14 7.19
N GLY A 108 -5.24 44.65 8.28
CA GLY A 108 -5.47 46.02 8.72
C GLY A 108 -4.22 46.85 8.48
N SER A 109 -3.61 47.34 9.58
CA SER A 109 -2.48 48.25 9.51
C SER A 109 -1.38 47.66 8.62
N TRP A 110 -1.11 46.35 8.78
CA TRP A 110 0.04 45.75 8.12
C TRP A 110 -0.31 44.39 7.55
N LYS A 111 0.25 44.15 6.37
CA LYS A 111 0.21 42.88 5.70
C LYS A 111 1.53 42.81 4.91
N ASN A 112 2.36 41.81 5.25
CA ASN A 112 3.66 41.57 4.63
C ASN A 112 4.48 42.84 4.83
N GLY A 113 4.39 43.39 6.06
CA GLY A 113 5.19 44.53 6.44
C GLY A 113 4.55 45.86 6.09
N GLU A 114 3.68 45.90 5.07
CA GLU A 114 3.27 47.17 4.49
C GLU A 114 1.82 47.48 4.84
N SER A 115 1.36 48.67 4.44
CA SER A 115 0.08 49.18 4.84
C SER A 115 -0.89 49.31 3.64
N SER A 116 -0.78 48.37 2.69
CA SER A 116 -1.52 48.48 1.44
C SER A 116 -3.03 48.19 1.61
N TYR A 117 -3.40 47.53 2.70
CA TYR A 117 -4.82 47.27 2.95
C TYR A 117 -5.43 48.26 3.94
N ALA A 118 -4.69 49.29 4.38
CA ALA A 118 -5.32 50.36 5.14
C ALA A 118 -6.31 51.12 4.27
N PRO A 119 -7.42 51.61 4.86
CA PRO A 119 -8.44 52.34 4.12
C PRO A 119 -7.84 53.56 3.44
N THR A 120 -8.53 54.00 2.39
CA THR A 120 -8.05 55.13 1.60
C THR A 120 -7.96 56.38 2.46
N TRP A 121 -8.90 56.52 3.43
CA TRP A 121 -8.91 57.66 4.34
C TRP A 121 -7.77 57.59 5.37
N VAL A 122 -7.18 56.42 5.59
CA VAL A 122 -5.99 56.32 6.41
C VAL A 122 -4.77 56.66 5.54
N LYS A 123 -4.69 56.06 4.35
CA LYS A 123 -3.56 56.27 3.49
C LYS A 123 -3.35 57.76 3.20
N GLU A 124 -4.43 58.48 2.98
CA GLU A 124 -4.33 59.85 2.51
C GLU A 124 -4.08 60.84 3.64
N ASP A 125 -4.11 60.41 4.90
CA ASP A 125 -3.91 61.34 6.00
C ASP A 125 -2.61 60.99 6.73
N THR A 126 -1.46 61.37 6.12
CA THR A 126 -0.16 61.06 6.67
C THR A 126 0.13 61.94 7.88
N LYS A 127 -0.69 62.97 8.12
CA LYS A 127 -0.53 63.80 9.31
C LYS A 127 -1.11 63.05 10.50
N ARG A 128 -2.33 62.55 10.36
CA ARG A 128 -2.96 61.84 11.45
C ARG A 128 -2.28 60.48 11.64
N PHE A 129 -2.00 59.81 10.52
CA PHE A 129 -1.50 58.43 10.54
C PHE A 129 -0.13 58.36 9.90
N PHE A 130 0.90 58.60 10.69
CA PHE A 130 2.19 58.92 10.12
C PHE A 130 2.88 57.63 9.74
N ARG A 131 3.78 57.78 8.76
CA ARG A 131 4.42 56.67 8.10
C ARG A 131 5.75 56.38 8.76
N VAL A 132 6.20 55.14 8.56
CA VAL A 132 7.58 54.78 8.75
C VAL A 132 8.46 55.65 7.85
N LYS A 133 9.62 56.05 8.39
CA LYS A 133 10.63 56.69 7.56
C LYS A 133 11.89 55.85 7.46
N SER A 134 12.45 55.85 6.25
CA SER A 134 13.70 55.16 5.90
C SER A 134 14.90 55.90 6.48
N VAL A 135 16.09 55.31 6.37
CA VAL A 135 17.30 55.97 6.82
C VAL A 135 17.60 57.20 5.94
N GLU A 136 17.09 57.20 4.69
CA GLU A 136 17.21 58.35 3.78
C GLU A 136 16.21 59.45 4.16
N GLY A 137 15.34 59.16 5.11
CA GLY A 137 14.29 60.06 5.51
C GLY A 137 13.09 60.04 4.54
N LYS A 138 12.81 58.93 3.84
CA LYS A 138 11.65 58.90 2.96
C LYS A 138 10.46 58.28 3.71
N GLU A 139 9.25 58.78 3.47
CA GLU A 139 8.08 58.15 4.06
C GLU A 139 7.72 56.96 3.17
N ILE A 140 7.49 55.77 3.74
CA ILE A 140 7.18 54.61 2.91
C ILE A 140 5.70 54.29 3.03
N GLU A 141 5.26 53.23 2.32
CA GLU A 141 3.85 52.82 2.27
C GLU A 141 3.52 51.87 3.43
N THR A 142 4.04 52.23 4.62
CA THR A 142 3.86 51.50 5.87
C THR A 142 3.59 52.51 6.99
N ILE A 143 2.47 52.33 7.68
CA ILE A 143 2.12 53.10 8.87
C ILE A 143 3.11 52.74 9.99
N SER A 144 3.53 53.75 10.76
CA SER A 144 4.51 53.51 11.80
C SER A 144 3.86 52.83 12.98
N PRO A 145 4.47 51.78 13.55
CA PRO A 145 3.95 51.18 14.77
C PRO A 145 3.99 52.10 16.00
N PHE A 146 4.64 53.28 15.84
CA PHE A 146 4.68 54.27 16.89
C PHE A 146 3.52 55.25 16.78
N CYS A 147 2.64 55.07 15.80
CA CYS A 147 1.51 55.98 15.62
C CYS A 147 0.28 55.44 16.34
N GLU A 148 -0.05 56.06 17.47
CA GLU A 148 -1.15 55.59 18.28
C GLU A 148 -2.50 55.88 17.63
N ASN A 149 -2.59 56.89 16.76
CA ASN A 149 -3.84 57.12 16.04
C ASN A 149 -4.21 55.86 15.22
N ALA A 150 -3.24 55.31 14.49
CA ALA A 150 -3.49 54.14 13.67
C ALA A 150 -3.80 52.93 14.55
N MET A 151 -3.09 52.77 15.68
CA MET A 151 -3.39 51.69 16.61
C MET A 151 -4.85 51.74 17.03
N LYS A 152 -5.32 52.92 17.44
CA LYS A 152 -6.69 53.02 17.92
C LYS A 152 -7.70 52.88 16.80
N ALA A 153 -7.41 53.42 15.60
CA ALA A 153 -8.32 53.24 14.47
C ALA A 153 -8.42 51.76 14.08
N ASP A 154 -7.28 51.10 13.93
CA ASP A 154 -7.28 49.67 13.61
C ASP A 154 -8.07 48.91 14.69
N ALA A 155 -7.71 49.15 15.96
CA ALA A 155 -8.38 48.50 17.08
C ALA A 155 -9.90 48.67 17.05
N LYS A 156 -10.38 49.89 16.75
CA LYS A 156 -11.82 50.13 16.72
C LYS A 156 -12.46 49.30 15.60
N ALA A 157 -11.81 49.24 14.44
CA ALA A 157 -12.40 48.51 13.30
C ALA A 157 -12.41 47.01 13.59
N PHE A 158 -11.31 46.51 14.16
CA PHE A 158 -11.18 45.09 14.49
C PHE A 158 -12.24 44.69 15.53
N LYS A 159 -12.34 45.48 16.60
CA LYS A 159 -13.37 45.23 17.60
C LYS A 159 -14.75 45.20 16.93
N THR A 160 -15.00 46.13 16.01
CA THR A 160 -16.30 46.20 15.34
C THR A 160 -16.56 44.91 14.54
N LEU A 161 -15.54 44.44 13.83
CA LEU A 161 -15.66 43.18 13.12
C LEU A 161 -15.96 42.05 14.10
N VAL A 162 -15.24 42.01 15.24
CA VAL A 162 -15.41 40.90 16.17
C VAL A 162 -16.77 40.96 16.88
N GLU A 163 -17.27 42.15 17.21
CA GLU A 163 -18.64 42.33 17.73
C GLU A 163 -19.64 41.70 16.77
N HIS A 164 -19.47 41.93 15.46
CA HIS A 164 -20.38 41.42 14.44
C HIS A 164 -20.38 39.88 14.39
N ILE A 165 -19.17 39.31 14.43
CA ILE A 165 -18.99 37.86 14.43
C ILE A 165 -19.71 37.24 15.63
N LYS A 166 -19.58 37.83 16.81
CA LYS A 166 -20.25 37.35 18.00
C LYS A 166 -21.76 37.35 17.78
N LYS A 167 -22.25 38.43 17.17
CA LYS A 167 -23.67 38.66 16.93
C LYS A 167 -24.24 37.62 15.97
N VAL A 168 -23.48 37.24 14.93
CA VAL A 168 -24.00 36.34 13.92
C VAL A 168 -23.48 34.90 14.10
N ASP A 169 -22.55 34.66 15.04
CA ASP A 169 -21.82 33.39 15.03
C ASP A 169 -21.57 32.78 16.42
N GLN A 170 -21.91 33.46 17.49
CA GLN A 170 -21.57 32.96 18.82
C GLN A 170 -22.22 31.61 19.11
N ALA A 171 -23.38 31.29 18.51
CA ALA A 171 -24.01 30.00 18.74
C ALA A 171 -23.43 28.92 17.82
N THR A 172 -23.08 29.24 16.59
CA THR A 172 -22.59 28.22 15.69
C THR A 172 -21.07 28.05 15.81
N GLY A 173 -20.32 29.13 15.90
CA GLY A 173 -18.88 29.02 15.93
C GLY A 173 -18.28 28.50 14.62
N THR A 174 -18.75 29.07 13.49
CA THR A 174 -18.11 28.87 12.20
C THR A 174 -16.70 29.47 12.23
N VAL A 175 -16.58 30.66 12.83
CA VAL A 175 -15.30 31.32 13.07
C VAL A 175 -14.64 30.80 14.35
N ILE A 176 -13.46 30.17 14.21
CA ILE A 176 -12.83 29.47 15.33
C ILE A 176 -11.53 30.15 15.76
N ALA A 177 -11.04 31.11 14.98
CA ALA A 177 -9.80 31.76 15.32
C ALA A 177 -9.65 33.06 14.53
N LEU A 178 -8.78 33.93 15.02
CA LEU A 178 -8.58 35.24 14.43
C LEU A 178 -7.08 35.47 14.26
N GLN A 179 -6.66 36.13 13.17
CA GLN A 179 -5.26 36.51 13.03
C GLN A 179 -5.17 38.00 12.79
N PRO A 180 -4.83 38.80 13.80
CA PRO A 180 -4.66 40.24 13.62
C PRO A 180 -3.37 40.61 12.88
N GLU A 181 -3.55 41.26 11.74
CA GLU A 181 -2.48 41.68 10.85
C GLU A 181 -1.93 40.42 10.20
N ASN A 182 -0.87 40.62 9.42
CA ASN A 182 -0.27 39.54 8.66
C ASN A 182 1.19 39.88 8.41
N GLU A 183 2.08 39.02 8.92
CA GLU A 183 3.52 39.14 8.72
C GLU A 183 3.98 40.59 8.90
N VAL A 184 3.90 41.11 10.14
CA VAL A 184 4.17 42.52 10.36
C VAL A 184 5.67 42.72 10.45
N GLY A 185 6.08 43.99 10.27
CA GLY A 185 7.45 44.42 10.51
C GLY A 185 7.96 45.32 9.39
N ILE A 186 9.16 45.88 9.56
CA ILE A 186 9.73 46.79 8.57
C ILE A 186 10.96 46.17 7.96
N PHE A 187 11.21 46.56 6.71
CA PHE A 187 12.37 46.09 5.98
C PHE A 187 13.50 47.07 6.25
N GLN A 188 13.73 47.37 7.52
CA GLN A 188 14.75 48.33 7.92
C GLN A 188 15.26 47.87 9.29
N GLY A 189 16.47 48.36 9.65
CA GLY A 189 17.04 48.16 10.97
C GLY A 189 16.17 48.76 12.07
N MET A 190 15.53 49.90 11.77
CA MET A 190 14.63 50.59 12.67
C MET A 190 13.82 51.60 11.85
N ASP A 191 12.71 52.08 12.45
CA ASP A 191 11.93 53.19 11.92
C ASP A 191 12.66 54.48 12.29
N TYR A 192 12.78 55.38 11.31
CA TYR A 192 13.45 56.67 11.53
C TYR A 192 12.48 57.82 11.72
N SER A 193 11.19 57.56 11.86
CA SER A 193 10.26 58.60 12.24
C SER A 193 10.72 59.21 13.57
N LYS A 194 10.34 60.47 13.83
CA LYS A 194 10.60 61.14 15.10
C LYS A 194 10.19 60.24 16.27
N ALA A 195 8.94 59.79 16.27
CA ALA A 195 8.45 58.98 17.38
C ALA A 195 9.29 57.72 17.59
N SER A 196 9.77 57.06 16.52
CA SER A 196 10.62 55.86 16.64
C SER A 196 11.94 56.22 17.35
N LEU A 197 12.55 57.32 16.91
CA LEU A 197 13.85 57.71 17.45
C LEU A 197 13.72 58.07 18.93
N ALA A 198 12.61 58.70 19.30
CA ALA A 198 12.31 59.04 20.67
C ALA A 198 12.10 57.78 21.51
N ALA A 199 11.36 56.81 20.96
CA ALA A 199 11.09 55.57 21.70
C ALA A 199 12.39 54.80 22.02
N TYR A 200 13.36 54.83 21.12
CA TYR A 200 14.57 54.06 21.33
C TYR A 200 15.34 54.57 22.56
N GLU A 201 15.09 55.84 22.90
CA GLU A 201 15.79 56.51 24.00
C GLU A 201 15.14 56.23 25.34
N GLN A 202 13.96 55.57 25.35
CA GLN A 202 13.19 55.32 26.54
C GLN A 202 13.72 54.13 27.36
N GLU A 203 13.33 54.15 28.62
CA GLU A 203 13.49 53.07 29.57
C GLU A 203 12.84 51.79 29.04
N VAL A 204 13.58 50.70 29.15
CA VAL A 204 13.02 49.39 28.84
C VAL A 204 11.81 49.14 29.73
N PRO A 205 10.65 48.74 29.15
CA PRO A 205 9.47 48.46 29.97
C PRO A 205 9.72 47.38 31.02
N GLN A 206 9.22 47.58 32.25
CA GLN A 206 9.43 46.63 33.33
C GLN A 206 8.82 45.26 32.97
N ALA A 207 7.76 45.23 32.16
CA ALA A 207 7.14 43.97 31.78
C ALA A 207 8.14 43.08 31.01
N LEU A 208 9.08 43.68 30.28
CA LEU A 208 10.09 42.92 29.56
C LEU A 208 11.15 42.45 30.53
N ILE A 209 11.60 43.35 31.42
CA ILE A 209 12.67 43.02 32.34
C ILE A 209 12.20 41.85 33.20
N GLN A 210 10.99 41.96 33.74
CA GLN A 210 10.47 40.95 34.66
C GLN A 210 10.26 39.62 33.95
N TYR A 211 9.82 39.67 32.67
CA TYR A 211 9.65 38.46 31.87
C TYR A 211 10.99 37.76 31.73
N MET A 212 12.05 38.51 31.41
CA MET A 212 13.36 37.89 31.23
C MET A 212 13.88 37.27 32.54
N LYS A 213 13.74 38.00 33.66
CA LYS A 213 14.17 37.48 34.95
C LYS A 213 13.46 36.16 35.26
N LYS A 214 12.15 36.14 35.09
CA LYS A 214 11.37 34.99 35.50
C LYS A 214 11.54 33.82 34.52
N ASN A 215 11.75 34.09 33.23
CA ASN A 215 11.70 33.05 32.21
C ASN A 215 13.09 32.74 31.67
N ARG A 216 14.13 33.11 32.42
CA ARG A 216 15.49 33.02 31.94
C ARG A 216 15.85 31.67 31.32
N LYS A 217 15.46 30.59 31.98
CA LYS A 217 15.88 29.26 31.57
C LYS A 217 15.31 28.91 30.19
N ASN A 218 14.19 29.52 29.80
CA ASN A 218 13.56 29.20 28.52
C ASN A 218 13.73 30.35 27.52
N LEU A 219 14.54 31.36 27.84
CA LEU A 219 14.65 32.52 26.96
C LEU A 219 15.39 32.08 25.70
N ARG A 220 15.11 32.77 24.61
CA ARG A 220 15.87 32.59 23.39
C ARG A 220 17.29 33.07 23.65
N LYS A 221 18.28 32.34 23.10
CA LYS A 221 19.69 32.66 23.28
C LYS A 221 20.01 33.99 22.59
N GLU A 222 19.23 34.31 21.55
CA GLU A 222 19.34 35.60 20.88
C GLU A 222 19.09 36.75 21.86
N LEU A 223 18.04 36.68 22.69
CA LEU A 223 17.72 37.75 23.62
C LEU A 223 18.62 37.66 24.87
N LEU A 224 18.73 36.46 25.44
CA LEU A 224 19.50 36.24 26.68
C LEU A 224 20.94 36.71 26.51
N SER A 225 21.59 36.33 25.39
CA SER A 225 23.00 36.66 25.19
C SER A 225 23.23 38.17 25.14
N VAL A 226 22.38 38.93 24.43
CA VAL A 226 22.54 40.39 24.37
C VAL A 226 22.27 41.02 25.73
N TRP A 227 21.26 40.55 26.44
CA TRP A 227 21.01 41.02 27.80
C TRP A 227 22.26 40.80 28.67
N GLU A 228 22.72 39.56 28.72
CA GLU A 228 23.84 39.14 29.55
C GLU A 228 25.07 39.99 29.19
N GLU A 229 25.35 40.13 27.89
CA GLU A 229 26.53 40.84 27.44
C GLU A 229 26.53 42.28 27.97
N ASN A 230 25.36 42.85 28.21
CA ASN A 230 25.29 44.21 28.68
C ASN A 230 25.08 44.28 30.17
N GLY A 231 25.28 43.15 30.87
CA GLY A 231 25.28 43.08 32.33
C GLY A 231 23.94 42.64 32.94
N ALA A 232 23.00 42.11 32.13
CA ALA A 232 21.73 41.61 32.64
C ALA A 232 21.04 42.62 33.56
N ARG A 233 20.99 43.88 33.11
CA ARG A 233 20.44 44.98 33.87
C ARG A 233 18.92 44.87 34.01
N THR A 234 18.39 45.41 35.12
CA THR A 234 16.97 45.33 35.44
C THR A 234 16.33 46.70 35.40
N SER A 235 17.09 47.70 34.95
CA SER A 235 16.54 49.01 34.61
C SER A 235 17.48 49.68 33.62
N GLY A 236 17.05 50.82 33.04
CA GLY A 236 17.82 51.56 32.07
C GLY A 236 17.13 51.61 30.71
N ALA A 237 17.67 52.45 29.83
CA ALA A 237 17.18 52.61 28.47
C ALA A 237 17.57 51.42 27.58
N TRP A 238 16.88 51.31 26.43
CA TRP A 238 17.11 50.25 25.48
C TRP A 238 18.60 50.03 25.22
N LYS A 239 19.32 51.12 24.94
CA LYS A 239 20.72 51.01 24.55
C LYS A 239 21.60 50.67 25.75
N THR A 240 21.15 50.98 26.97
CA THR A 240 21.88 50.56 28.18
C THR A 240 21.68 49.07 28.44
N VAL A 241 20.44 48.60 28.29
CA VAL A 241 20.09 47.25 28.68
C VAL A 241 20.56 46.27 27.61
N PHE A 242 20.58 46.70 26.34
CA PHE A 242 20.84 45.76 25.25
C PHE A 242 21.94 46.23 24.32
N GLY A 243 22.62 47.34 24.64
CA GLY A 243 23.67 47.85 23.78
C GLY A 243 23.06 48.66 22.66
N ASP A 244 23.93 49.30 21.87
CA ASP A 244 23.56 50.12 20.73
C ASP A 244 24.00 49.36 19.48
N ASN A 245 23.06 48.59 18.93
CA ASN A 245 23.33 47.62 17.87
C ASN A 245 22.01 47.27 17.19
N ALA A 246 22.08 46.36 16.23
CA ALA A 246 20.92 45.98 15.43
C ALA A 246 19.88 45.21 16.26
N TRP A 247 20.35 44.51 17.30
CA TRP A 247 19.48 43.68 18.12
C TRP A 247 18.63 44.55 19.04
N SER A 248 19.29 45.49 19.73
CA SER A 248 18.58 46.49 20.52
C SER A 248 17.51 47.18 19.68
N LYS A 249 17.90 47.53 18.46
CA LYS A 249 16.94 48.15 17.54
C LYS A 249 15.78 47.21 17.26
N SER A 250 16.07 45.93 17.05
CA SER A 250 15.03 44.96 16.71
C SER A 250 14.12 44.77 17.92
N PHE A 251 14.71 44.77 19.13
CA PHE A 251 13.96 44.50 20.34
C PHE A 251 12.94 45.59 20.62
N TYR A 252 13.32 46.87 20.53
CA TYR A 252 12.36 47.92 20.85
C TYR A 252 11.33 48.03 19.73
N THR A 253 11.76 47.78 18.47
CA THR A 253 10.85 47.76 17.33
C THR A 253 9.82 46.64 17.52
N THR A 254 10.29 45.46 17.92
CA THR A 254 9.38 44.34 18.13
C THR A 254 8.42 44.60 19.31
N TRP A 255 8.95 45.19 20.38
CA TRP A 255 8.14 45.53 21.53
C TRP A 255 6.98 46.40 21.06
N GLN A 256 7.30 47.35 20.16
CA GLN A 256 6.31 48.31 19.72
C GLN A 256 5.19 47.58 18.97
N TYR A 257 5.60 46.75 18.02
CA TYR A 257 4.66 46.02 17.19
C TYR A 257 3.78 45.15 18.07
N ALA A 258 4.43 44.42 18.98
CA ALA A 258 3.69 43.49 19.81
C ALA A 258 2.69 44.24 20.68
N THR A 259 3.08 45.44 21.14
CA THR A 259 2.22 46.26 22.00
C THR A 259 0.99 46.77 21.23
N TYR A 260 1.24 47.31 20.05
CA TYR A 260 0.20 47.86 19.20
C TYR A 260 -0.82 46.78 18.89
N ILE A 261 -0.34 45.59 18.54
CA ILE A 261 -1.23 44.52 18.10
C ILE A 261 -1.95 43.92 19.31
N ASP A 262 -1.30 43.90 20.48
CA ASP A 262 -1.93 43.44 21.71
C ASP A 262 -3.15 44.29 22.07
N PHE A 263 -3.03 45.60 21.87
CA PHE A 263 -4.09 46.54 22.13
C PHE A 263 -5.27 46.23 21.23
N ILE A 264 -4.95 45.98 19.94
CA ILE A 264 -5.98 45.62 19.00
C ILE A 264 -6.68 44.36 19.46
N SER A 265 -5.90 43.34 19.85
CA SER A 265 -6.48 42.05 20.22
C SER A 265 -7.33 42.19 21.48
N ALA A 266 -6.78 42.92 22.47
CA ALA A 266 -7.41 43.11 23.77
C ALA A 266 -8.85 43.62 23.68
N GLY A 267 -9.10 44.58 22.77
CA GLY A 267 -10.44 45.11 22.58
C GLY A 267 -11.44 44.04 22.13
N ALA A 268 -10.97 43.08 21.32
CA ALA A 268 -11.80 41.98 20.87
C ALA A 268 -11.96 40.92 21.97
N LYS A 269 -10.84 40.60 22.65
CA LYS A 269 -10.88 39.66 23.75
C LYS A 269 -11.87 40.09 24.85
N GLU A 270 -12.05 41.40 25.04
CA GLU A 270 -12.93 41.86 26.10
C GLU A 270 -14.38 41.47 25.77
N ILE A 271 -14.71 41.40 24.48
CA ILE A 271 -16.09 41.26 24.04
C ILE A 271 -16.40 39.84 23.56
N TYR A 272 -15.40 39.18 22.95
CA TYR A 272 -15.58 37.84 22.39
C TYR A 272 -14.22 37.19 22.18
N PRO A 273 -13.64 36.55 23.22
CA PRO A 273 -12.29 35.99 23.17
C PRO A 273 -12.22 34.69 22.35
N LEU A 274 -11.61 34.80 21.17
CA LEU A 274 -11.38 33.68 20.29
C LEU A 274 -9.89 33.44 20.29
N PRO A 275 -9.45 32.20 20.03
CA PRO A 275 -8.03 31.95 19.85
C PRO A 275 -7.48 32.88 18.78
N THR A 276 -6.33 33.48 19.10
CA THR A 276 -5.80 34.60 18.33
C THR A 276 -4.33 34.30 18.07
N PHE A 277 -3.93 34.36 16.80
CA PHE A 277 -2.53 34.12 16.46
C PHE A 277 -1.98 35.27 15.61
N CYS A 278 -0.66 35.54 15.70
CA CYS A 278 0.04 36.44 14.80
C CYS A 278 1.14 35.65 14.08
N ASN A 279 1.27 35.84 12.74
CA ASN A 279 2.11 35.01 11.90
C ASN A 279 3.39 35.76 11.48
N CYS A 280 4.45 35.02 11.12
CA CYS A 280 5.69 35.69 10.76
C CYS A 280 6.21 35.21 9.39
N TRP A 281 6.83 36.19 8.73
CA TRP A 281 7.77 35.96 7.65
C TRP A 281 9.12 35.53 8.26
N LEU A 282 9.53 34.30 7.99
CA LEU A 282 10.67 33.72 8.68
C LEU A 282 11.96 34.47 8.35
N VAL A 283 12.91 34.39 9.27
CA VAL A 283 14.32 34.65 8.99
C VAL A 283 14.75 33.66 7.90
N GLN A 284 14.96 34.13 6.67
CA GLN A 284 15.08 33.22 5.55
C GLN A 284 16.43 32.47 5.55
N LYS A 285 17.48 33.13 6.00
CA LYS A 285 18.83 32.57 6.00
C LYS A 285 19.50 32.92 7.32
N PRO A 286 20.34 32.04 7.89
CA PRO A 286 20.81 32.24 9.25
C PRO A 286 21.60 33.53 9.51
N ASP A 287 22.24 34.12 8.50
CA ASP A 287 23.02 35.36 8.68
C ASP A 287 22.17 36.63 8.57
N ASP A 288 20.88 36.49 8.18
CA ASP A 288 20.04 37.63 7.86
C ASP A 288 19.83 38.49 9.09
N MET A 289 20.00 39.80 8.88
CA MET A 289 19.76 40.78 9.93
C MET A 289 18.28 41.21 9.91
N PRO A 290 17.75 41.67 11.07
CA PRO A 290 16.45 42.32 11.13
C PRO A 290 16.32 43.37 10.04
N GLY A 291 15.22 43.29 9.27
CA GLY A 291 15.02 44.18 8.17
C GLY A 291 15.16 43.46 6.82
N VAL A 292 16.01 42.43 6.75
CA VAL A 292 16.04 41.57 5.57
C VAL A 292 14.72 40.78 5.52
N TYR A 293 14.29 40.31 6.70
CA TYR A 293 12.91 39.91 6.96
C TYR A 293 12.24 41.04 7.75
N PRO A 294 10.88 41.08 7.81
CA PRO A 294 10.15 42.11 8.55
C PRO A 294 10.58 42.15 10.01
N ASN A 295 11.17 43.29 10.36
CA ASN A 295 11.72 43.57 11.68
C ASN A 295 10.56 44.05 12.53
N GLY A 296 10.15 43.20 13.48
CA GLY A 296 8.99 43.48 14.29
C GLY A 296 8.07 42.26 14.38
N GLY A 297 8.07 41.44 13.33
CA GLY A 297 7.23 40.25 13.32
C GLY A 297 7.68 39.25 14.37
N PRO A 298 6.80 38.29 14.74
CA PRO A 298 7.14 37.25 15.74
C PRO A 298 7.96 36.06 15.25
N VAL A 299 9.14 36.35 14.69
CA VAL A 299 10.11 35.33 14.38
C VAL A 299 10.62 34.78 15.71
N SER A 300 11.15 33.56 15.67
CA SER A 300 11.45 32.87 16.92
C SER A 300 12.52 33.60 17.74
N ARG A 301 13.44 34.31 17.07
CA ARG A 301 14.44 35.15 17.70
C ARG A 301 13.84 36.06 18.78
N VAL A 302 12.69 36.66 18.50
CA VAL A 302 12.11 37.66 19.40
C VAL A 302 10.81 37.11 20.00
N MET A 303 10.57 35.80 19.95
CA MET A 303 9.31 35.29 20.48
C MET A 303 9.13 35.65 21.96
N ASP A 304 10.20 35.78 22.76
CA ASP A 304 10.04 36.12 24.17
C ASP A 304 9.52 37.55 24.32
N ILE A 305 9.94 38.44 23.42
CA ILE A 305 9.49 39.81 23.43
C ILE A 305 7.99 39.83 23.11
N TRP A 306 7.56 39.04 22.11
CA TRP A 306 6.14 38.94 21.81
C TRP A 306 5.34 38.39 22.99
N LYS A 307 5.88 37.38 23.68
CA LYS A 307 5.17 36.79 24.81
C LYS A 307 5.08 37.81 25.96
N ALA A 308 6.15 38.56 26.24
CA ALA A 308 6.16 39.56 27.31
C ALA A 308 5.16 40.68 27.04
N ALA A 309 5.07 41.11 25.77
CA ALA A 309 4.34 42.30 25.38
C ALA A 309 2.89 42.00 25.06
N ALA A 310 2.56 40.79 24.62
CA ALA A 310 1.28 40.56 23.98
C ALA A 310 0.53 39.38 24.59
N PRO A 311 0.05 39.48 25.87
CA PRO A 311 -0.71 38.40 26.49
C PRO A 311 -2.03 38.13 25.79
N HIS A 312 -2.55 39.08 25.00
CA HIS A 312 -3.81 38.87 24.29
C HIS A 312 -3.62 38.17 22.93
N ILE A 313 -2.37 37.85 22.59
CA ILE A 313 -2.05 37.02 21.45
C ILE A 313 -1.65 35.64 21.96
N ASP A 314 -2.42 34.62 21.57
CA ASP A 314 -2.27 33.29 22.12
C ASP A 314 -1.08 32.53 21.49
N VAL A 315 -0.90 32.67 20.17
CA VAL A 315 0.06 31.83 19.44
C VAL A 315 0.86 32.68 18.46
N LEU A 316 2.16 32.38 18.40
CA LEU A 316 3.04 32.91 17.38
C LEU A 316 3.27 31.86 16.30
N ALA A 317 2.81 32.16 15.09
CA ALA A 317 2.55 31.16 14.06
C ALA A 317 3.47 31.37 12.85
N PRO A 318 4.42 30.45 12.57
CA PRO A 318 5.27 30.59 11.39
C PRO A 318 4.58 30.25 10.06
N ASP A 319 4.77 31.12 9.07
CA ASP A 319 4.49 30.82 7.66
C ASP A 319 5.74 30.15 7.13
N ILE A 320 5.64 28.92 6.61
CA ILE A 320 6.86 28.19 6.27
C ILE A 320 6.83 27.81 4.78
N TYR A 321 7.75 28.35 3.98
CA TYR A 321 7.85 27.99 2.57
C TYR A 321 9.23 27.42 2.27
N LEU A 322 10.05 27.22 3.31
CA LEU A 322 11.42 26.75 3.15
C LEU A 322 11.45 25.25 3.37
N SER A 323 12.47 24.61 2.80
CA SER A 323 12.51 23.17 2.74
C SER A 323 12.93 22.57 4.09
N ASP A 324 13.63 23.32 4.94
CA ASP A 324 14.14 22.82 6.22
C ASP A 324 13.05 22.70 7.29
N PHE A 325 11.98 21.98 6.97
CA PHE A 325 10.69 22.10 7.64
C PHE A 325 10.80 21.63 9.08
N LYS A 326 11.52 20.54 9.33
CA LYS A 326 11.58 19.95 10.66
C LYS A 326 12.29 20.86 11.66
N ASN A 327 13.45 21.37 11.29
CA ASN A 327 14.19 22.30 12.14
C ASN A 327 13.33 23.54 12.44
N ILE A 328 12.62 24.03 11.41
CA ILE A 328 11.85 25.26 11.58
C ILE A 328 10.73 25.03 12.59
N VAL A 329 9.95 23.94 12.42
CA VAL A 329 8.79 23.76 13.27
C VAL A 329 9.23 23.53 14.72
N ALA A 330 10.36 22.84 14.92
CA ALA A 330 10.90 22.61 16.26
C ALA A 330 11.37 23.91 16.89
N ASP A 331 11.73 24.90 16.07
CA ASP A 331 12.17 26.18 16.55
C ASP A 331 11.00 27.02 17.04
N TYR A 332 9.77 26.77 16.54
CA TYR A 332 8.63 27.59 16.89
C TYR A 332 7.79 26.93 17.97
N HIS A 333 7.83 25.59 18.05
CA HIS A 333 7.00 24.84 19.00
C HIS A 333 7.68 24.87 20.37
N ARG A 334 7.03 25.45 21.38
CA ARG A 334 7.54 25.60 22.75
C ARG A 334 6.41 25.34 23.73
N ALA A 335 6.74 25.20 25.02
CA ALA A 335 5.76 24.90 26.04
C ALA A 335 4.65 25.97 26.07
N ASP A 336 5.03 27.23 25.84
CA ASP A 336 4.10 28.35 25.81
C ASP A 336 3.69 28.73 24.39
N ASN A 337 3.99 27.88 23.41
CA ASN A 337 3.67 28.23 22.03
C ASN A 337 3.37 26.97 21.23
N PRO A 338 2.09 26.58 21.07
CA PRO A 338 1.75 25.43 20.24
C PRO A 338 2.06 25.75 18.78
N LEU A 339 2.26 24.70 17.97
CA LEU A 339 2.59 24.83 16.57
C LEU A 339 1.30 25.11 15.80
N LEU A 340 1.32 26.21 15.03
CA LEU A 340 0.22 26.60 14.18
C LEU A 340 0.83 27.18 12.90
N ILE A 341 0.53 26.55 11.76
CA ILE A 341 1.16 26.91 10.50
C ILE A 341 0.10 27.40 9.51
N PRO A 342 -0.12 28.74 9.43
CA PRO A 342 -1.20 29.31 8.62
C PRO A 342 -0.93 29.44 7.12
N GLY A 343 0.34 29.37 6.73
CA GLY A 343 0.75 29.48 5.34
C GLY A 343 1.96 28.59 5.10
N ALA A 344 1.80 27.63 4.18
CA ALA A 344 2.82 26.62 3.95
C ALA A 344 2.71 26.09 2.53
N VAL A 345 3.54 25.10 2.22
CA VAL A 345 3.54 24.44 0.92
C VAL A 345 2.47 23.35 0.94
N MET A 346 1.93 23.05 -0.24
CA MET A 346 0.97 21.95 -0.36
C MET A 346 1.73 20.63 -0.49
N LYS A 347 2.17 20.10 0.65
CA LYS A 347 2.95 18.88 0.73
C LYS A 347 2.40 18.05 1.87
N PRO A 348 1.88 16.84 1.63
CA PRO A 348 1.35 16.05 2.73
C PRO A 348 2.35 15.71 3.85
N ALA A 349 3.63 15.48 3.52
CA ALA A 349 4.61 15.11 4.53
C ALA A 349 4.63 16.14 5.66
N ASN A 350 4.60 17.41 5.29
CA ASN A 350 4.71 18.51 6.24
C ASN A 350 3.56 18.45 7.24
N ALA A 351 2.36 18.15 6.73
CA ALA A 351 1.18 18.05 7.58
C ALA A 351 1.34 16.94 8.62
N PHE A 352 1.71 15.74 8.12
CA PHE A 352 1.85 14.58 8.99
C PHE A 352 2.91 14.84 10.07
N TRP A 353 4.03 15.45 9.67
CA TRP A 353 5.09 15.78 10.61
C TRP A 353 4.58 16.78 11.65
N ALA A 354 3.93 17.86 11.20
CA ALA A 354 3.47 18.87 12.14
C ALA A 354 2.49 18.27 13.13
N PHE A 355 1.53 17.48 12.63
CA PHE A 355 0.44 17.01 13.49
C PHE A 355 0.94 15.91 14.42
N GLY A 356 1.80 15.00 13.90
CA GLY A 356 2.23 13.85 14.66
C GLY A 356 3.40 14.11 15.61
N GLU A 357 4.42 14.80 15.13
CA GLU A 357 5.61 15.03 15.92
C GLU A 357 5.38 16.18 16.91
N HIS A 358 4.67 17.22 16.49
CA HIS A 358 4.62 18.46 17.25
C HIS A 358 3.17 18.76 17.68
N SER A 359 2.23 17.84 17.48
CA SER A 359 0.88 18.05 18.01
C SER A 359 0.28 19.38 17.54
N ALA A 360 0.49 19.75 16.28
CA ALA A 360 0.13 21.06 15.75
C ALA A 360 -1.38 21.27 15.78
N LEU A 361 -1.82 22.53 15.81
CA LEU A 361 -3.22 22.89 15.79
C LEU A 361 -3.71 23.12 14.37
N CYS A 362 -2.77 23.45 13.46
CA CYS A 362 -3.15 23.89 12.13
C CYS A 362 -2.00 23.63 11.16
N TYR A 363 -2.38 23.20 9.96
CA TYR A 363 -1.50 23.13 8.81
C TYR A 363 -2.31 23.67 7.64
N SER A 364 -1.74 24.60 6.88
CA SER A 364 -2.52 25.41 5.95
C SER A 364 -1.70 25.82 4.74
N PRO A 365 -1.71 25.05 3.62
CA PRO A 365 -1.04 25.50 2.41
C PRO A 365 -1.60 26.82 1.93
N PHE A 366 -0.72 27.67 1.44
CA PHE A 366 -1.11 28.98 0.93
C PHE A 366 -1.52 28.86 -0.54
N GLY A 367 -2.52 29.65 -0.95
CA GLY A 367 -3.06 29.57 -2.30
C GLY A 367 -3.82 28.27 -2.56
N ILE A 368 -4.49 27.74 -1.53
CA ILE A 368 -5.11 26.42 -1.56
C ILE A 368 -6.07 26.26 -2.75
N GLU A 369 -6.78 27.31 -3.15
CA GLU A 369 -7.84 27.16 -4.14
C GLU A 369 -7.25 26.73 -5.49
N ASP A 370 -5.94 26.94 -5.64
CA ASP A 370 -5.23 26.61 -6.85
C ASP A 370 -4.85 25.13 -6.92
N GLY A 371 -4.98 24.40 -5.81
CA GLY A 371 -4.47 23.04 -5.71
C GLY A 371 -5.59 21.99 -5.72
N ALA A 372 -6.75 22.34 -6.26
CA ALA A 372 -7.92 21.46 -6.23
C ALA A 372 -7.68 20.13 -6.94
N ASP A 373 -6.67 20.01 -7.79
CA ASP A 373 -6.47 18.73 -8.48
C ASP A 373 -5.48 17.85 -7.72
N ASN A 374 -5.11 18.21 -6.48
CA ASN A 374 -4.04 17.49 -5.82
C ASN A 374 -4.66 16.28 -5.13
N PHE A 375 -4.73 15.17 -5.85
CA PHE A 375 -5.36 13.95 -5.36
C PHE A 375 -4.69 13.47 -4.08
N VAL A 376 -3.37 13.35 -4.08
CA VAL A 376 -2.66 12.82 -2.92
C VAL A 376 -2.86 13.72 -1.70
N PHE A 377 -2.83 15.04 -1.89
CA PHE A 377 -3.01 15.95 -0.76
C PHE A 377 -4.43 15.78 -0.19
N ALA A 378 -5.42 15.76 -1.09
CA ALA A 378 -6.81 15.60 -0.71
C ALA A 378 -7.01 14.31 0.10
N GLN A 379 -6.35 13.23 -0.34
CA GLN A 379 -6.51 11.93 0.31
C GLN A 379 -5.77 11.90 1.64
N SER A 380 -4.70 12.71 1.76
CA SER A 380 -3.95 12.87 2.98
C SER A 380 -4.78 13.56 4.05
N TYR A 381 -5.50 14.63 3.66
CA TYR A 381 -6.45 15.29 4.54
C TYR A 381 -7.60 14.35 4.90
N LYS A 382 -8.04 13.48 3.97
CA LYS A 382 -9.09 12.50 4.31
C LYS A 382 -8.66 11.57 5.46
N VAL A 383 -7.42 11.09 5.40
CA VAL A 383 -6.87 10.22 6.42
C VAL A 383 -6.63 10.98 7.72
N LEU A 384 -6.04 12.18 7.65
CA LEU A 384 -5.84 12.96 8.85
C LEU A 384 -7.18 13.25 9.54
N ASN A 385 -8.23 13.54 8.77
CA ASN A 385 -9.57 13.71 9.32
C ASN A 385 -10.03 12.46 10.08
N GLU A 386 -9.81 11.28 9.51
CA GLU A 386 -10.14 10.02 10.18
C GLU A 386 -9.40 9.89 11.51
N LEU A 387 -8.19 10.49 11.59
CA LEU A 387 -7.33 10.33 12.76
C LEU A 387 -7.49 11.44 13.78
N ILE A 388 -8.29 12.48 13.51
CA ILE A 388 -8.33 13.62 14.43
C ILE A 388 -8.65 13.15 15.85
N PRO A 389 -9.70 12.34 16.14
CA PRO A 389 -9.93 11.90 17.51
C PRO A 389 -8.72 11.26 18.18
N LEU A 390 -8.02 10.37 17.45
CA LEU A 390 -6.86 9.68 18.01
C LEU A 390 -5.66 10.63 18.19
N ILE A 391 -5.39 11.49 17.20
CA ILE A 391 -4.29 12.44 17.31
C ILE A 391 -4.55 13.31 18.54
N SER A 392 -5.79 13.76 18.66
CA SER A 392 -6.22 14.63 19.75
C SER A 392 -5.94 14.01 21.12
N GLU A 393 -6.34 12.75 21.29
CA GLU A 393 -6.09 12.04 22.54
C GLU A 393 -4.60 11.92 22.88
N HIS A 394 -3.69 12.00 21.90
CA HIS A 394 -2.29 11.73 22.20
C HIS A 394 -1.43 12.97 22.01
N GLN A 395 -2.05 14.15 21.88
CA GLN A 395 -1.25 15.33 21.70
C GLN A 395 -0.40 15.59 22.95
N GLY A 396 0.90 15.86 22.72
CA GLY A 396 1.88 16.15 23.74
C GLY A 396 2.37 14.87 24.40
N SER A 397 1.81 13.72 24.00
CA SER A 397 2.18 12.43 24.56
C SER A 397 3.50 11.94 23.97
N ASP A 398 4.25 11.15 24.73
CA ASP A 398 5.39 10.46 24.14
C ASP A 398 4.91 9.25 23.34
N ARG A 399 3.61 8.95 23.32
CA ARG A 399 3.10 7.82 22.54
C ARG A 399 2.82 8.18 21.06
N MET A 400 3.00 9.44 20.67
CA MET A 400 2.74 9.84 19.29
C MET A 400 4.00 10.47 18.69
N ILE A 401 4.40 10.01 17.51
CA ILE A 401 5.46 10.63 16.74
C ILE A 401 4.97 10.88 15.31
N GLY A 402 5.69 11.77 14.63
CA GLY A 402 5.54 11.93 13.19
C GLY A 402 6.63 11.13 12.46
N VAL A 403 6.42 10.97 11.15
CA VAL A 403 7.40 10.34 10.28
C VAL A 403 7.57 11.22 9.06
N MET A 404 8.83 11.58 8.77
CA MET A 404 9.11 12.34 7.56
C MET A 404 10.58 12.20 7.17
N LYS A 405 10.81 11.61 6.01
CA LYS A 405 12.14 11.53 5.44
C LYS A 405 12.57 12.88 4.88
N MET A 406 13.81 13.27 5.17
CA MET A 406 14.50 14.38 4.52
C MET A 406 15.60 13.82 3.60
N PRO A 407 15.98 14.50 2.49
CA PRO A 407 17.11 14.06 1.66
C PRO A 407 18.29 13.53 2.47
N GLY A 408 18.75 12.33 2.11
CA GLY A 408 19.94 11.75 2.69
C GLY A 408 19.67 10.92 3.94
N GLU A 409 18.44 10.95 4.47
CA GLU A 409 18.14 10.18 5.66
C GLU A 409 17.62 8.81 5.25
N SER A 410 17.89 7.82 6.11
CA SER A 410 17.70 6.41 5.81
C SER A 410 16.69 5.75 6.74
N GLU A 411 16.74 6.13 8.02
CA GLU A 411 15.88 5.49 9.00
C GLU A 411 15.59 6.43 10.16
N ARG A 412 14.62 6.02 10.99
CA ARG A 412 14.51 6.54 12.33
C ARG A 412 14.28 5.40 13.32
N THR A 413 14.97 5.47 14.46
CA THR A 413 14.80 4.47 15.51
C THR A 413 14.23 5.16 16.73
N VAL A 414 13.20 4.55 17.33
CA VAL A 414 12.54 5.11 18.49
C VAL A 414 12.20 3.97 19.43
N THR A 415 12.05 4.31 20.72
CA THR A 415 11.56 3.39 21.74
C THR A 415 10.13 3.78 22.08
N MET A 416 9.22 2.83 22.05
CA MET A 416 7.86 3.05 22.53
C MET A 416 7.55 1.92 23.51
N GLY A 417 7.63 2.27 24.81
CA GLY A 417 7.53 1.32 25.90
C GLY A 417 8.40 0.09 25.63
N ASP A 418 7.73 -1.06 25.52
CA ASP A 418 8.41 -2.34 25.45
C ASP A 418 9.04 -2.62 24.09
N TYR A 419 8.72 -1.80 23.08
CA TYR A 419 9.16 -2.06 21.72
C TYR A 419 10.10 -0.96 21.24
N GLN A 420 11.04 -1.41 20.42
CA GLN A 420 11.86 -0.60 19.56
C GLN A 420 11.32 -0.65 18.13
N LEU A 421 11.18 0.52 17.49
CA LEU A 421 10.68 0.65 16.13
C LEU A 421 11.82 1.18 15.26
N CYS A 422 12.14 0.42 14.21
CA CYS A 422 13.05 0.84 13.17
C CYS A 422 12.22 1.21 11.94
N ILE A 423 12.18 2.53 11.66
CA ILE A 423 11.42 3.06 10.53
C ILE A 423 12.37 3.21 9.35
N LYS A 424 12.10 2.50 8.24
CA LYS A 424 12.92 2.55 7.06
C LYS A 424 12.11 3.08 5.89
N TYR A 425 12.75 3.88 5.05
CA TYR A 425 12.08 4.63 4.01
C TYR A 425 12.27 3.87 2.72
N ASP A 426 11.19 3.73 1.94
CA ASP A 426 11.24 3.03 0.67
C ASP A 426 11.07 3.99 -0.49
N ALA A 427 10.94 5.29 -0.22
CA ALA A 427 10.97 6.27 -1.30
C ALA A 427 11.41 7.62 -0.74
N GLU A 428 11.65 8.57 -1.63
CA GLU A 428 12.07 9.91 -1.25
C GLU A 428 10.94 10.57 -0.46
N ASP A 429 9.73 10.47 -0.96
CA ASP A 429 8.53 11.00 -0.33
C ASP A 429 7.96 9.92 0.60
N ALA A 430 8.45 9.92 1.85
CA ALA A 430 8.04 8.96 2.85
C ALA A 430 7.61 9.72 4.10
N TYR A 431 6.35 9.55 4.52
CA TYR A 431 5.85 10.32 5.66
C TYR A 431 4.64 9.66 6.29
N GLY A 432 4.34 10.09 7.52
CA GLY A 432 3.19 9.58 8.23
C GLY A 432 3.23 9.94 9.70
N LEU A 433 2.53 9.14 10.52
CA LEU A 433 2.64 9.25 11.97
C LEU A 433 2.37 7.88 12.59
N ILE A 434 2.78 7.76 13.84
CA ILE A 434 2.72 6.52 14.58
C ILE A 434 2.22 6.83 15.98
N ILE A 435 1.22 6.05 16.44
CA ILE A 435 0.67 6.22 17.77
C ILE A 435 0.66 4.87 18.48
N GLN A 436 1.21 4.84 19.71
CA GLN A 436 1.07 3.65 20.53
C GLN A 436 -0.22 3.76 21.34
N THR A 437 -1.21 2.97 20.93
CA THR A 437 -2.54 3.05 21.47
C THR A 437 -2.67 2.08 22.63
N GLY A 438 -1.73 1.14 22.74
CA GLY A 438 -1.76 0.15 23.80
C GLY A 438 -0.36 -0.31 24.13
N LYS A 439 -0.23 -1.06 25.22
CA LYS A 439 1.04 -1.68 25.54
C LYS A 439 1.55 -2.50 24.34
N ASN A 440 0.64 -3.19 23.65
CA ASN A 440 1.04 -4.06 22.56
C ASN A 440 0.28 -3.70 21.27
N GLU A 441 0.04 -2.40 21.04
CA GLU A 441 -0.76 -1.98 19.88
C GLU A 441 -0.36 -0.59 19.39
N PHE A 442 -0.36 -0.44 18.05
CA PHE A 442 0.07 0.77 17.39
C PHE A 442 -0.88 1.03 16.24
N VAL A 443 -1.14 2.32 16.01
CA VAL A 443 -1.71 2.77 14.79
C VAL A 443 -0.62 3.46 14.01
N VAL A 444 -0.40 3.04 12.75
CA VAL A 444 0.55 3.64 11.86
C VAL A 444 -0.18 4.16 10.62
N ALA A 445 -0.01 5.45 10.34
CA ALA A 445 -0.56 6.07 9.14
C ALA A 445 0.58 6.54 8.24
N GLY A 446 0.34 6.53 6.93
CA GLY A 446 1.26 7.19 6.02
C GLY A 446 1.62 6.32 4.82
N ILE A 447 2.84 6.53 4.26
CA ILE A 447 3.16 5.97 2.96
C ILE A 447 4.68 5.93 2.76
N ASN A 448 5.16 4.88 2.07
CA ASN A 448 6.51 4.76 1.55
C ASN A 448 7.53 4.57 2.67
N PHE A 449 7.09 4.02 3.81
CA PHE A 449 8.05 3.54 4.81
C PHE A 449 7.64 2.16 5.32
N LYS A 450 8.56 1.55 6.07
CA LYS A 450 8.35 0.26 6.72
C LYS A 450 8.69 0.43 8.19
N VAL A 451 8.06 -0.39 9.04
CA VAL A 451 8.36 -0.37 10.46
C VAL A 451 8.71 -1.79 10.92
N TYR A 452 9.92 -1.96 11.48
CA TYR A 452 10.36 -3.19 12.13
C TYR A 452 10.19 -3.03 13.63
N PHE A 453 9.52 -4.01 14.25
CA PHE A 453 9.24 -4.01 15.68
C PHE A 453 10.11 -5.08 16.35
N THR A 454 10.91 -4.69 17.36
CA THR A 454 11.66 -5.61 18.21
C THR A 454 11.48 -5.24 19.68
N SER A 455 12.00 -6.05 20.61
CA SER A 455 11.76 -5.80 22.02
C SER A 455 12.86 -4.91 22.57
N THR A 456 12.47 -3.99 23.48
CA THR A 456 13.43 -3.15 24.17
C THR A 456 14.24 -4.01 25.13
N ASP A 457 13.56 -4.88 25.89
CA ASP A 457 14.24 -5.79 26.80
C ASP A 457 14.96 -6.85 25.98
N LYS A 458 16.29 -6.87 26.07
CA LYS A 458 17.14 -7.61 25.15
C LYS A 458 16.94 -9.12 25.25
N LYS A 459 16.38 -9.61 26.36
CA LYS A 459 16.31 -11.04 26.57
C LYS A 459 14.88 -11.55 26.29
N LYS A 460 14.02 -10.71 25.70
CA LYS A 460 12.76 -11.17 25.10
C LYS A 460 12.84 -10.96 23.59
N THR A 461 11.95 -11.63 22.84
CA THR A 461 11.84 -11.43 21.40
C THR A 461 10.51 -10.70 21.13
N GLY A 462 10.57 -9.53 20.49
CA GLY A 462 9.36 -8.85 20.11
C GLY A 462 9.08 -9.09 18.63
N TYR A 463 7.81 -9.20 18.28
CA TYR A 463 7.42 -9.44 16.91
C TYR A 463 6.03 -8.84 16.68
N ILE A 464 5.72 -8.60 15.40
CA ILE A 464 4.36 -8.32 15.01
C ILE A 464 3.49 -9.54 15.27
N LYS A 465 2.28 -9.28 15.79
CA LYS A 465 1.30 -10.31 16.06
C LYS A 465 0.31 -10.36 14.90
N GLN A 466 -0.35 -9.23 14.62
CA GLN A 466 -1.25 -9.15 13.48
C GLN A 466 -1.30 -7.73 12.94
N VAL A 467 -1.60 -7.60 11.64
CA VAL A 467 -1.68 -6.30 10.99
C VAL A 467 -3.03 -6.18 10.29
N TRP A 468 -3.75 -5.09 10.58
N TRP A 468 -3.70 -5.04 10.50
CA TRP A 468 -4.90 -4.70 9.76
CA TRP A 468 -4.98 -4.73 9.86
C TRP A 468 -4.64 -3.38 9.05
C TRP A 468 -4.94 -3.36 9.18
N GLU A 469 -5.22 -3.34 7.86
CA GLU A 469 -5.34 -2.14 7.07
C GLU A 469 -6.76 -1.65 7.24
N GLY A 470 -6.97 -0.33 7.40
CA GLY A 470 -8.33 0.15 7.38
C GLY A 470 -8.44 1.66 7.48
N GLY A 471 -9.51 2.08 8.15
CA GLY A 471 -9.84 3.47 8.34
C GLY A 471 -10.98 3.65 9.37
N TYR A 472 -11.31 4.92 9.65
CA TYR A 472 -12.35 5.28 10.59
C TYR A 472 -13.55 5.71 9.75
N ASP A 473 -14.75 5.24 10.10
CA ASP A 473 -15.93 5.56 9.32
C ASP A 473 -16.45 6.90 9.81
N THR A 474 -17.59 7.33 9.25
CA THR A 474 -18.20 8.63 9.57
C THR A 474 -18.76 8.67 11.00
N ASP A 475 -18.78 7.55 11.73
CA ASP A 475 -19.10 7.60 13.16
C ASP A 475 -17.85 7.62 14.02
N GLY A 476 -16.67 7.48 13.39
CA GLY A 476 -15.43 7.42 14.14
C GLY A 476 -15.04 6.00 14.52
N GLU A 477 -15.71 4.98 13.97
CA GLU A 477 -15.39 3.61 14.35
C GLU A 477 -14.41 3.02 13.34
N TRP A 478 -13.44 2.26 13.87
CA TRP A 478 -12.45 1.56 13.07
C TRP A 478 -13.14 0.51 12.18
N LYS A 479 -12.81 0.51 10.90
CA LYS A 479 -13.30 -0.49 9.96
C LYS A 479 -12.11 -1.02 9.16
N ALA A 480 -11.82 -2.32 9.36
CA ALA A 480 -10.72 -2.96 8.69
C ALA A 480 -11.11 -3.29 7.26
N THR A 481 -10.19 -3.06 6.33
CA THR A 481 -10.41 -3.40 4.94
C THR A 481 -9.72 -4.73 4.60
N ARG A 482 -8.57 -4.98 5.23
CA ARG A 482 -7.91 -6.27 5.15
C ARG A 482 -7.19 -6.56 6.46
N LEU A 483 -7.02 -7.87 6.72
CA LEU A 483 -5.93 -8.36 7.56
C LEU A 483 -4.73 -8.59 6.64
N LEU A 484 -3.71 -7.73 6.78
CA LEU A 484 -2.52 -7.83 5.96
C LEU A 484 -1.60 -8.90 6.56
N ASN A 485 -1.20 -9.86 5.72
CA ASN A 485 -0.27 -10.93 6.09
C ASN A 485 0.41 -11.43 4.82
N GLY A 486 1.20 -12.50 4.97
CA GLY A 486 1.87 -13.08 3.80
C GLY A 486 2.75 -12.02 3.13
N ASP A 487 2.66 -11.94 1.81
CA ASP A 487 3.45 -11.02 1.02
C ASP A 487 3.31 -9.61 1.56
N GLU A 488 2.12 -9.27 2.05
CA GLU A 488 1.77 -7.90 2.40
C GLU A 488 2.46 -7.41 3.69
N THR A 489 2.96 -8.34 4.53
CA THR A 489 3.77 -7.98 5.70
C THR A 489 5.11 -8.73 5.73
N TYR A 490 5.55 -9.29 4.60
CA TYR A 490 6.69 -10.23 4.57
C TYR A 490 6.54 -11.24 5.72
N HIS A 491 5.36 -11.85 5.81
CA HIS A 491 5.06 -12.88 6.78
C HIS A 491 5.32 -12.36 8.21
N ASN A 492 4.86 -11.10 8.41
CA ASN A 492 4.85 -10.38 9.68
C ASN A 492 6.25 -10.02 10.15
N ALA A 493 7.24 -9.99 9.24
CA ALA A 493 8.57 -9.48 9.55
C ALA A 493 8.55 -7.97 9.67
N VAL A 494 7.58 -7.32 9.04
CA VAL A 494 7.65 -5.89 8.90
C VAL A 494 6.28 -5.34 8.57
N LEU A 495 6.00 -4.11 9.02
CA LEU A 495 4.82 -3.38 8.57
C LEU A 495 5.20 -2.60 7.31
N ILE A 496 4.45 -2.79 6.22
CA ILE A 496 4.67 -2.03 5.00
C ILE A 496 3.56 -1.01 4.93
N ALA A 497 3.93 0.28 5.01
CA ALA A 497 2.92 1.32 4.87
C ALA A 497 2.90 1.72 3.40
N LYS A 498 2.26 0.86 2.58
CA LYS A 498 2.23 1.04 1.15
C LYS A 498 1.30 2.18 0.77
N GLY A 499 0.22 2.34 1.53
CA GLY A 499 -0.75 3.40 1.26
C GLY A 499 -2.04 2.85 0.71
N ARG A 500 -3.06 3.70 0.62
CA ARG A 500 -4.31 3.39 -0.08
C ARG A 500 -4.06 3.57 -1.58
N ARG A 501 -4.54 2.60 -2.37
CA ARG A 501 -4.25 2.52 -3.81
C ARG A 501 -5.50 2.92 -4.56
N THR A 502 -5.30 3.71 -5.61
CA THR A 502 -6.34 4.09 -6.56
C THR A 502 -5.83 3.83 -7.98
N PHE A 503 -6.41 2.82 -8.65
CA PHE A 503 -6.11 2.57 -10.04
C PHE A 503 -6.50 3.80 -10.85
N THR A 504 -5.60 4.23 -11.75
CA THR A 504 -5.90 5.19 -12.80
C THR A 504 -6.43 4.44 -14.02
N SER A 505 -6.91 5.19 -15.03
CA SER A 505 -7.42 4.58 -16.25
C SER A 505 -6.26 4.19 -17.18
N GLU A 506 -5.01 4.51 -16.78
CA GLU A 506 -3.83 4.29 -17.63
C GLU A 506 -3.28 2.86 -17.54
N LYS A 507 -3.12 2.21 -18.71
CA LYS A 507 -2.67 0.83 -18.84
C LYS A 507 -1.20 0.68 -18.45
N SER A 508 -0.96 -0.42 -17.72
CA SER A 508 0.34 -0.79 -17.18
C SER A 508 0.95 -1.98 -17.96
N ASN A 509 0.13 -3.01 -18.23
CA ASN A 509 0.54 -4.20 -18.98
C ASN A 509 1.77 -4.87 -18.34
N ASN A 510 1.71 -5.13 -17.02
CA ASN A 510 2.89 -5.47 -16.22
C ASN A 510 2.77 -6.89 -15.64
N TYR A 511 3.25 -7.89 -16.40
CA TYR A 511 2.93 -9.30 -16.16
C TYR A 511 4.21 -10.13 -15.93
N ASN A 512 5.40 -9.50 -16.02
CA ASN A 512 6.68 -10.19 -15.86
C ASN A 512 7.07 -10.34 -14.39
N ALA A 513 7.54 -11.54 -14.03
CA ALA A 513 8.12 -11.78 -12.71
C ALA A 513 9.37 -10.89 -12.57
N ASP A 514 9.51 -10.27 -11.39
CA ASP A 514 10.65 -9.40 -11.08
C ASP A 514 11.46 -10.07 -9.97
N HIS A 515 12.63 -10.58 -10.35
CA HIS A 515 13.56 -11.19 -9.41
C HIS A 515 14.66 -10.16 -9.08
N ILE A 519 13.09 -10.26 -1.26
CA ILE A 519 12.00 -11.27 -1.10
C ILE A 519 11.07 -11.12 -2.31
N PHE A 520 10.91 -12.22 -3.06
CA PHE A 520 10.09 -12.23 -4.26
C PHE A 520 8.61 -12.11 -3.92
N VAL A 521 7.90 -11.19 -4.61
CA VAL A 521 6.44 -11.12 -4.60
C VAL A 521 5.98 -10.96 -6.05
N TYR A 522 5.00 -11.79 -6.49
CA TYR A 522 4.48 -11.66 -7.84
C TYR A 522 3.31 -10.68 -7.80
N SER A 523 3.43 -9.54 -8.47
CA SER A 523 2.44 -8.47 -8.36
C SER A 523 2.02 -7.97 -9.74
N PRO A 524 1.34 -8.80 -10.56
CA PRO A 524 0.91 -8.38 -11.89
C PRO A 524 -0.14 -7.28 -11.81
N THR A 525 -0.08 -6.37 -12.78
CA THR A 525 -0.94 -5.19 -12.77
C THR A 525 -1.28 -4.86 -14.23
N SER A 526 -2.58 -4.64 -14.48
CA SER A 526 -3.10 -4.19 -15.78
C SER A 526 -3.09 -2.67 -15.90
N TYR A 527 -3.36 -1.99 -14.76
CA TYR A 527 -3.45 -0.53 -14.74
C TYR A 527 -2.37 0.02 -13.81
N GLN A 528 -1.84 1.19 -14.20
CA GLN A 528 -1.04 2.00 -13.30
C GLN A 528 -1.93 2.46 -12.15
N ALA A 529 -1.28 2.93 -11.08
CA ALA A 529 -1.98 3.23 -9.84
C ALA A 529 -1.35 4.47 -9.23
N VAL A 530 -2.15 5.21 -8.45
CA VAL A 530 -1.64 6.24 -7.56
C VAL A 530 -1.89 5.81 -6.11
N TRP A 531 -0.97 6.19 -5.22
CA TRP A 531 -0.99 5.81 -3.83
C TRP A 531 -1.05 7.05 -2.95
N SER A 532 -1.82 6.96 -1.86
CA SER A 532 -1.84 7.99 -0.83
C SER A 532 -1.80 7.35 0.56
N PRO A 533 -1.70 8.13 1.69
CA PRO A 533 -1.50 7.53 3.01
C PRO A 533 -2.57 6.50 3.38
N GLY A 534 -2.11 5.41 4.02
CA GLY A 534 -2.99 4.43 4.60
C GLY A 534 -2.95 4.51 6.13
N ILE A 535 -3.84 3.75 6.75
CA ILE A 535 -3.87 3.58 8.20
C ILE A 535 -3.85 2.09 8.55
N TYR A 536 -2.92 1.73 9.46
CA TYR A 536 -2.67 0.35 9.82
C TYR A 536 -2.76 0.23 11.32
N ARG A 537 -3.30 -0.89 11.78
CA ARG A 537 -3.37 -1.21 13.19
C ARG A 537 -2.51 -2.46 13.36
N VAL A 538 -1.48 -2.34 14.19
CA VAL A 538 -0.49 -3.40 14.37
C VAL A 538 -0.55 -3.83 15.83
N THR A 539 -0.80 -5.12 16.07
CA THR A 539 -0.64 -5.68 17.40
C THR A 539 0.69 -6.37 17.40
N THR A 540 1.41 -6.30 18.55
CA THR A 540 2.71 -6.90 18.74
C THR A 540 2.61 -7.88 19.92
N TYR A 541 3.69 -8.62 20.12
CA TYR A 541 3.83 -9.50 21.27
C TYR A 541 5.30 -9.78 21.57
N LEU A 542 5.55 -10.17 22.83
CA LEU A 542 6.86 -10.62 23.30
C LEU A 542 6.77 -12.09 23.72
N ARG A 543 7.70 -12.95 23.27
CA ARG A 543 7.79 -14.37 23.67
C ARG A 543 9.17 -14.69 24.25
N VAL B 13 -19.11 -37.28 -3.32
CA VAL B 13 -18.32 -36.01 -3.42
C VAL B 13 -18.48 -35.47 -4.84
N PRO B 14 -18.62 -34.14 -5.02
CA PRO B 14 -18.81 -33.58 -6.35
C PRO B 14 -17.53 -33.28 -7.13
N SER B 15 -16.38 -33.63 -6.55
CA SER B 15 -15.09 -33.47 -7.21
C SER B 15 -14.18 -34.62 -6.83
N ARG B 16 -13.57 -35.25 -7.84
CA ARG B 16 -12.85 -36.52 -7.73
C ARG B 16 -11.73 -36.54 -8.78
N LEU B 17 -10.58 -37.13 -8.45
CA LEU B 17 -9.55 -37.40 -9.43
C LEU B 17 -9.75 -38.82 -9.92
N VAL B 18 -9.81 -39.02 -11.23
CA VAL B 18 -10.03 -40.33 -11.85
C VAL B 18 -9.06 -40.52 -13.03
N LYS B 19 -8.44 -41.70 -13.10
CA LYS B 19 -7.50 -42.01 -14.17
C LYS B 19 -8.30 -42.43 -15.40
N ASN B 20 -7.94 -41.89 -16.59
CA ASN B 20 -8.68 -42.13 -17.82
C ASN B 20 -8.05 -43.31 -18.57
N GLU B 21 -8.54 -43.60 -19.78
CA GLU B 21 -8.09 -44.76 -20.54
C GLU B 21 -6.61 -44.66 -20.92
N HIS B 22 -6.03 -43.46 -20.84
CA HIS B 22 -4.65 -43.23 -21.25
C HIS B 22 -3.74 -43.26 -20.03
N GLY B 23 -4.32 -43.39 -18.84
CA GLY B 23 -3.54 -43.36 -17.62
C GLY B 23 -3.26 -41.93 -17.15
N SER B 24 -4.00 -40.94 -17.66
CA SER B 24 -3.86 -39.57 -17.18
C SER B 24 -4.93 -39.35 -16.11
N TRP B 25 -4.54 -38.67 -15.04
CA TRP B 25 -5.51 -38.26 -14.05
C TRP B 25 -6.36 -37.10 -14.56
N GLN B 26 -7.66 -37.19 -14.30
CA GLN B 26 -8.57 -36.12 -14.63
C GLN B 26 -9.35 -35.72 -13.39
N LEU B 27 -9.68 -34.45 -13.35
CA LEU B 27 -10.61 -33.96 -12.36
C LEU B 27 -12.02 -34.12 -12.91
N ILE B 28 -12.86 -34.89 -12.22
CA ILE B 28 -14.26 -34.99 -12.57
C ILE B 28 -15.07 -34.17 -11.55
N VAL B 29 -15.73 -33.13 -12.04
CA VAL B 29 -16.50 -32.22 -11.22
C VAL B 29 -17.94 -32.24 -11.70
N ASN B 30 -18.89 -32.49 -10.78
CA ASN B 30 -20.30 -32.60 -11.13
C ASN B 30 -20.44 -33.55 -12.33
N GLY B 31 -19.79 -34.71 -12.30
CA GLY B 31 -19.91 -35.75 -13.33
C GLY B 31 -19.21 -35.48 -14.67
N LYS B 32 -18.55 -34.33 -14.87
CA LYS B 32 -17.83 -34.11 -16.13
C LYS B 32 -16.37 -33.74 -15.92
N PRO B 33 -15.50 -34.05 -16.90
CA PRO B 33 -14.11 -33.62 -16.86
C PRO B 33 -14.01 -32.10 -16.78
N PHE B 34 -13.09 -31.63 -15.93
CA PHE B 34 -12.99 -30.23 -15.59
C PHE B 34 -11.50 -29.90 -15.53
N ILE B 35 -11.12 -28.77 -16.11
CA ILE B 35 -9.76 -28.30 -16.06
C ILE B 35 -9.84 -26.92 -15.44
N MET B 36 -8.93 -26.65 -14.48
CA MET B 36 -8.98 -25.41 -13.73
C MET B 36 -8.29 -24.33 -14.56
N LEU B 37 -9.13 -23.47 -15.15
CA LEU B 37 -8.65 -22.23 -15.75
C LEU B 37 -8.70 -21.17 -14.65
N ALA B 38 -7.58 -21.04 -13.92
CA ALA B 38 -7.64 -20.53 -12.58
C ALA B 38 -6.77 -19.30 -12.42
N GLY B 39 -6.87 -18.73 -11.21
CA GLY B 39 -5.97 -17.67 -10.78
C GLY B 39 -6.04 -17.66 -9.26
N GLU B 40 -4.92 -17.28 -8.63
CA GLU B 40 -4.85 -17.21 -7.18
C GLU B 40 -4.82 -15.75 -6.76
N LEU B 41 -5.67 -15.41 -5.81
CA LEU B 41 -5.72 -14.07 -5.27
C LEU B 41 -4.41 -13.79 -4.51
N HIS B 42 -4.08 -12.49 -4.43
CA HIS B 42 -3.12 -12.03 -3.47
C HIS B 42 -3.49 -12.50 -2.06
N ASN B 43 -2.45 -12.73 -1.25
CA ASN B 43 -2.57 -13.44 0.02
C ASN B 43 -3.65 -12.86 0.94
N SER B 44 -3.72 -11.52 1.00
CA SER B 44 -4.54 -10.81 1.96
C SER B 44 -5.91 -10.48 1.37
N SER B 45 -6.20 -10.91 0.14
CA SER B 45 -7.37 -10.43 -0.59
C SER B 45 -8.67 -11.07 -0.14
N ALA B 46 -8.60 -12.19 0.58
CA ALA B 46 -9.80 -12.83 1.09
C ALA B 46 -10.01 -12.56 2.57
N SER B 47 -9.33 -11.56 3.15
CA SER B 47 -9.29 -11.43 4.60
C SER B 47 -10.52 -10.69 5.17
N THR B 48 -11.28 -10.02 4.29
CA THR B 48 -12.55 -9.40 4.66
C THR B 48 -13.55 -9.72 3.58
N THR B 49 -14.85 -9.68 3.94
CA THR B 49 -15.85 -9.93 2.92
C THR B 49 -15.89 -8.78 1.91
N GLU B 50 -15.66 -7.56 2.38
CA GLU B 50 -15.81 -6.41 1.49
C GLU B 50 -14.69 -6.40 0.43
N TYR B 51 -13.47 -6.74 0.83
CA TYR B 51 -12.34 -6.66 -0.08
C TYR B 51 -12.48 -7.73 -1.16
N LEU B 52 -12.77 -8.97 -0.75
CA LEU B 52 -13.02 -10.04 -1.73
C LEU B 52 -14.17 -9.66 -2.65
N ASN B 53 -15.25 -9.13 -2.07
CA ASN B 53 -16.45 -8.90 -2.87
C ASN B 53 -16.17 -7.82 -3.92
N SER B 54 -15.22 -6.94 -3.62
CA SER B 54 -14.82 -5.91 -4.58
C SER B 54 -14.11 -6.48 -5.81
N LEU B 55 -13.73 -7.76 -5.82
CA LEU B 55 -12.93 -8.34 -6.90
C LEU B 55 -13.69 -9.15 -7.94
N TRP B 56 -14.88 -9.65 -7.62
CA TRP B 56 -15.50 -10.64 -8.48
C TRP B 56 -15.58 -10.15 -9.94
N THR B 57 -15.98 -8.90 -10.18
CA THR B 57 -16.23 -8.48 -11.57
C THR B 57 -14.91 -8.40 -12.34
N SER B 58 -13.83 -8.01 -11.66
CA SER B 58 -12.49 -8.10 -12.22
C SER B 58 -12.19 -9.51 -12.69
N LEU B 59 -12.47 -10.49 -11.82
CA LEU B 59 -12.09 -11.87 -12.11
C LEU B 59 -12.87 -12.41 -13.29
N LYS B 60 -14.13 -12.00 -13.44
CA LYS B 60 -14.96 -12.49 -14.52
C LYS B 60 -14.44 -11.98 -15.87
N THR B 61 -13.81 -10.81 -15.90
CA THR B 61 -13.31 -10.31 -17.18
C THR B 61 -12.18 -11.20 -17.70
N LEU B 62 -11.56 -12.01 -16.82
CA LEU B 62 -10.43 -12.84 -17.23
C LEU B 62 -10.88 -14.23 -17.66
N ASN B 63 -12.16 -14.55 -17.49
CA ASN B 63 -12.72 -15.81 -17.97
C ASN B 63 -12.16 -17.00 -17.21
N LEU B 64 -11.82 -16.79 -15.93
CA LEU B 64 -11.50 -17.90 -15.05
C LEU B 64 -12.71 -18.80 -14.91
N ASN B 65 -12.52 -20.13 -14.72
CA ASN B 65 -13.58 -20.98 -14.20
C ASN B 65 -13.34 -21.30 -12.72
N THR B 66 -12.15 -20.98 -12.17
CA THR B 66 -11.78 -21.41 -10.83
C THR B 66 -10.95 -20.32 -10.16
N VAL B 67 -11.24 -20.07 -8.88
CA VAL B 67 -10.45 -19.12 -8.10
C VAL B 67 -9.81 -19.88 -6.95
N LEU B 68 -8.48 -19.67 -6.78
CA LEU B 68 -7.74 -20.15 -5.62
C LEU B 68 -7.68 -19.04 -4.58
N ALA B 69 -8.23 -19.31 -3.39
CA ALA B 69 -8.43 -18.31 -2.36
C ALA B 69 -8.13 -18.92 -1.01
N PRO B 70 -7.47 -18.18 -0.13
CA PRO B 70 -7.14 -18.71 1.19
C PRO B 70 -8.19 -18.50 2.28
N ILE B 71 -8.19 -19.48 3.18
CA ILE B 71 -8.76 -19.38 4.52
C ILE B 71 -7.57 -19.49 5.49
N ALA B 72 -7.46 -18.48 6.35
CA ALA B 72 -6.40 -18.38 7.32
C ALA B 72 -6.89 -18.92 8.67
N TRP B 73 -6.06 -19.77 9.25
CA TRP B 73 -6.39 -20.34 10.56
C TRP B 73 -6.59 -19.23 11.59
N GLU B 74 -5.76 -18.17 11.55
CA GLU B 74 -5.86 -17.10 12.54
C GLU B 74 -7.25 -16.47 12.59
N GLN B 75 -7.96 -16.45 11.46
CA GLN B 75 -9.26 -15.81 11.37
C GLN B 75 -10.35 -16.86 11.54
N PHE B 76 -10.07 -18.08 11.11
CA PHE B 76 -11.07 -19.15 11.16
C PHE B 76 -11.27 -19.68 12.58
N GLU B 77 -10.20 -19.71 13.38
CA GLU B 77 -10.26 -20.16 14.77
C GLU B 77 -9.59 -19.09 15.65
N PRO B 78 -10.26 -17.94 15.85
CA PRO B 78 -9.62 -16.81 16.50
C PRO B 78 -9.35 -17.01 17.99
N GLN B 79 -10.14 -17.86 18.62
CA GLN B 79 -9.78 -18.41 19.93
C GLN B 79 -9.98 -19.92 19.84
N GLU B 80 -9.18 -20.67 20.60
CA GLU B 80 -9.24 -22.12 20.51
C GLU B 80 -10.66 -22.62 20.76
N GLY B 81 -11.20 -23.40 19.82
CA GLY B 81 -12.53 -23.99 19.98
C GLY B 81 -13.63 -23.14 19.39
N ILE B 82 -13.32 -21.88 19.03
CA ILE B 82 -14.30 -20.90 18.59
C ILE B 82 -14.04 -20.66 17.10
N PHE B 83 -15.00 -20.98 16.23
CA PHE B 83 -14.81 -20.86 14.79
C PHE B 83 -15.66 -19.75 14.18
N ASP B 84 -15.11 -19.09 13.15
CA ASP B 84 -15.81 -18.01 12.48
C ASP B 84 -15.92 -18.34 10.99
N TYR B 85 -17.16 -18.66 10.57
CA TYR B 85 -17.44 -19.13 9.22
C TYR B 85 -17.72 -17.99 8.26
N THR B 86 -17.54 -16.74 8.71
CA THR B 86 -17.91 -15.58 7.90
C THR B 86 -17.24 -15.65 6.52
N LEU B 87 -15.92 -15.88 6.49
CA LEU B 87 -15.18 -15.69 5.24
C LEU B 87 -15.43 -16.87 4.28
N ILE B 88 -15.38 -18.11 4.76
CA ILE B 88 -15.69 -19.23 3.90
C ILE B 88 -17.10 -19.08 3.34
N ASN B 89 -18.08 -18.68 4.17
CA ASN B 89 -19.47 -18.61 3.68
C ASN B 89 -19.59 -17.57 2.59
N ASN B 90 -18.96 -16.41 2.78
CA ASN B 90 -19.09 -15.33 1.83
C ASN B 90 -18.35 -15.70 0.54
N MET B 91 -17.24 -16.44 0.68
CA MET B 91 -16.42 -16.82 -0.46
C MET B 91 -17.21 -17.76 -1.35
N ILE B 92 -17.83 -18.76 -0.72
CA ILE B 92 -18.63 -19.71 -1.45
C ILE B 92 -19.81 -19.00 -2.11
N ASP B 93 -20.45 -18.07 -1.41
CA ASP B 93 -21.61 -17.37 -1.94
C ASP B 93 -21.22 -16.61 -3.22
N GLY B 94 -20.15 -15.83 -3.10
CA GLY B 94 -19.69 -15.00 -4.19
C GLY B 94 -19.20 -15.80 -5.39
N ALA B 95 -18.57 -16.96 -5.12
CA ALA B 95 -18.15 -17.81 -6.22
C ALA B 95 -19.38 -18.31 -6.99
N ARG B 96 -20.41 -18.74 -6.27
CA ARG B 96 -21.62 -19.23 -6.89
C ARG B 96 -22.27 -18.11 -7.71
N LYS B 97 -22.37 -16.92 -7.12
CA LYS B 97 -23.01 -15.81 -7.79
C LYS B 97 -22.25 -15.40 -9.04
N ASN B 98 -20.95 -15.68 -9.13
CA ASN B 98 -20.15 -15.18 -10.25
C ASN B 98 -19.66 -16.29 -11.16
N GLY B 99 -20.15 -17.52 -10.98
CA GLY B 99 -19.89 -18.62 -11.90
C GLY B 99 -18.50 -19.23 -11.70
N PHE B 100 -17.95 -19.19 -10.48
CA PHE B 100 -16.62 -19.72 -10.25
C PHE B 100 -16.68 -20.95 -9.36
N LYS B 101 -15.75 -21.89 -9.62
CA LYS B 101 -15.39 -22.92 -8.67
C LYS B 101 -14.30 -22.37 -7.76
N LEU B 102 -14.10 -23.05 -6.62
CA LEU B 102 -13.07 -22.68 -5.66
C LEU B 102 -12.12 -23.84 -5.38
N SER B 103 -10.82 -23.50 -5.34
CA SER B 103 -9.85 -24.31 -4.62
C SER B 103 -9.44 -23.54 -3.39
N ILE B 104 -9.68 -24.15 -2.24
CA ILE B 104 -9.48 -23.50 -0.97
C ILE B 104 -8.07 -23.74 -0.48
N LEU B 105 -7.35 -22.65 -0.22
CA LEU B 105 -6.01 -22.73 0.31
C LEU B 105 -6.09 -22.56 1.83
N TRP B 106 -5.50 -23.49 2.55
CA TRP B 106 -5.53 -23.47 4.00
C TRP B 106 -4.20 -22.92 4.52
N PHE B 107 -4.20 -21.66 4.93
CA PHE B 107 -3.02 -21.05 5.50
C PHE B 107 -3.09 -21.30 7.00
N GLY B 108 -2.48 -22.42 7.41
CA GLY B 108 -2.50 -22.91 8.77
C GLY B 108 -1.14 -22.76 9.42
N SER B 109 -0.56 -23.90 9.83
CA SER B 109 0.73 -23.91 10.49
C SER B 109 1.77 -23.13 9.68
N TRP B 110 1.77 -23.31 8.35
CA TRP B 110 2.82 -22.76 7.52
C TRP B 110 2.31 -22.18 6.21
N LYS B 111 2.91 -21.04 5.90
CA LYS B 111 2.72 -20.30 4.67
C LYS B 111 4.05 -19.64 4.31
N ASN B 112 4.64 -20.04 3.18
CA ASN B 112 5.97 -19.63 2.74
C ASN B 112 6.98 -19.90 3.85
N GLY B 113 6.92 -21.12 4.41
CA GLY B 113 7.87 -21.55 5.41
C GLY B 113 7.48 -21.17 6.83
N GLU B 114 6.69 -20.09 7.02
CA GLU B 114 6.60 -19.48 8.33
C GLU B 114 5.20 -19.67 8.87
N SER B 115 5.01 -19.25 10.13
CA SER B 115 3.79 -19.51 10.87
C SER B 115 3.04 -18.22 11.20
N SER B 116 3.09 -17.26 10.27
CA SER B 116 2.46 -15.96 10.48
C SER B 116 0.92 -16.02 10.47
N TYR B 117 0.35 -17.07 9.90
CA TYR B 117 -1.11 -17.24 9.87
C TYR B 117 -1.63 -18.13 10.99
N ALA B 118 -0.76 -18.62 11.86
CA ALA B 118 -1.22 -19.35 13.03
C ALA B 118 -2.00 -18.39 13.93
N PRO B 119 -3.02 -18.88 14.64
CA PRO B 119 -3.76 -18.06 15.61
C PRO B 119 -2.88 -17.43 16.67
N THR B 120 -3.37 -16.28 17.14
CA THR B 120 -2.71 -15.53 18.20
C THR B 120 -2.45 -16.44 19.39
N TRP B 121 -3.37 -17.36 19.66
CA TRP B 121 -3.31 -18.23 20.83
C TRP B 121 -2.32 -19.38 20.64
N VAL B 122 -2.00 -19.68 19.37
CA VAL B 122 -0.92 -20.59 19.04
C VAL B 122 0.41 -19.84 19.12
N LYS B 123 0.49 -18.68 18.49
CA LYS B 123 1.72 -17.91 18.49
C LYS B 123 2.22 -17.64 19.91
N GLU B 124 1.30 -17.29 20.83
CA GLU B 124 1.65 -16.81 22.17
C GLU B 124 1.95 -17.98 23.13
N ASP B 125 1.72 -19.24 22.73
CA ASP B 125 2.05 -20.36 23.60
C ASP B 125 3.25 -21.12 23.02
N THR B 126 4.47 -20.66 23.25
CA THR B 126 5.62 -21.29 22.63
C THR B 126 6.09 -22.51 23.44
N LYS B 127 5.47 -22.74 24.62
CA LYS B 127 5.71 -23.96 25.39
C LYS B 127 4.85 -25.07 24.79
N ARG B 128 3.56 -24.84 24.54
CA ARG B 128 2.76 -25.89 23.91
C ARG B 128 3.13 -26.06 22.42
N PHE B 129 3.30 -24.95 21.71
CA PHE B 129 3.57 -25.07 20.29
C PHE B 129 4.99 -24.56 20.05
N PHE B 130 5.95 -25.47 20.14
CA PHE B 130 7.33 -25.03 20.12
C PHE B 130 7.74 -24.70 18.69
N ARG B 131 8.71 -23.79 18.62
CA ARG B 131 9.21 -23.20 17.40
C ARG B 131 10.44 -23.96 16.91
N VAL B 132 10.64 -23.88 15.60
CA VAL B 132 11.94 -24.17 15.02
C VAL B 132 13.03 -23.34 15.71
N LYS B 133 14.17 -23.97 15.96
CA LYS B 133 15.34 -23.28 16.48
C LYS B 133 16.39 -23.24 15.37
N SER B 134 17.04 -22.08 15.24
CA SER B 134 18.14 -21.85 14.34
C SER B 134 19.39 -22.56 14.84
N VAL B 135 20.43 -22.59 14.01
CA VAL B 135 21.68 -23.18 14.43
C VAL B 135 22.24 -22.41 15.63
N GLU B 136 21.79 -21.15 15.80
CA GLU B 136 22.24 -20.27 16.86
C GLU B 136 21.44 -20.50 18.14
N GLY B 137 20.42 -21.37 18.10
CA GLY B 137 19.62 -21.68 19.27
C GLY B 137 18.44 -20.72 19.44
N LYS B 138 18.12 -19.91 18.43
CA LYS B 138 17.06 -18.93 18.55
C LYS B 138 15.78 -19.49 17.95
N GLU B 139 14.66 -19.25 18.66
CA GLU B 139 13.33 -19.64 18.21
C GLU B 139 12.91 -18.67 17.10
N ILE B 140 12.44 -19.18 15.97
CA ILE B 140 11.98 -18.30 14.91
C ILE B 140 10.45 -18.30 14.88
N GLU B 141 9.87 -17.54 13.92
CA GLU B 141 8.43 -17.39 13.75
C GLU B 141 7.90 -18.49 12.84
N THR B 142 8.35 -19.73 13.13
CA THR B 142 7.90 -20.95 12.47
C THR B 142 7.70 -22.01 13.56
N ILE B 143 6.48 -22.54 13.63
CA ILE B 143 6.17 -23.73 14.42
C ILE B 143 6.97 -24.94 13.89
N SER B 144 7.56 -25.74 14.81
CA SER B 144 8.40 -26.88 14.41
C SER B 144 7.50 -27.96 13.85
N PRO B 145 7.83 -28.63 12.73
CA PRO B 145 7.06 -29.76 12.24
C PRO B 145 7.13 -30.95 13.20
N PHE B 146 8.00 -30.86 14.21
CA PHE B 146 8.14 -31.94 15.19
C PHE B 146 7.20 -31.74 16.36
N CYS B 147 6.39 -30.66 16.33
CA CYS B 147 5.44 -30.37 17.39
C CYS B 147 4.10 -31.03 17.09
N GLU B 148 3.78 -32.11 17.79
CA GLU B 148 2.53 -32.81 17.57
C GLU B 148 1.32 -32.01 18.08
N ASN B 149 1.54 -31.12 19.05
CA ASN B 149 0.44 -30.31 19.53
C ASN B 149 -0.12 -29.46 18.38
N ALA B 150 0.77 -28.76 17.70
CA ALA B 150 0.39 -27.95 16.55
C ALA B 150 -0.25 -28.83 15.47
N MET B 151 0.33 -29.99 15.18
CA MET B 151 -0.19 -30.88 14.18
C MET B 151 -1.65 -31.18 14.49
N LYS B 152 -1.91 -31.54 15.74
CA LYS B 152 -3.26 -31.88 16.17
C LYS B 152 -4.20 -30.69 16.10
N ALA B 153 -3.74 -29.53 16.58
CA ALA B 153 -4.57 -28.32 16.53
C ALA B 153 -4.88 -27.90 15.08
N ASP B 154 -3.89 -27.92 14.19
CA ASP B 154 -4.09 -27.61 12.78
C ASP B 154 -5.09 -28.59 12.16
N ALA B 155 -4.83 -29.89 12.34
CA ALA B 155 -5.70 -30.95 11.87
C ALA B 155 -7.16 -30.73 12.31
N LYS B 156 -7.36 -30.37 13.59
CA LYS B 156 -8.70 -30.20 14.10
C LYS B 156 -9.39 -29.04 13.40
N ALA B 157 -8.65 -27.94 13.22
CA ALA B 157 -9.20 -26.75 12.60
C ALA B 157 -9.51 -26.99 11.12
N PHE B 158 -8.60 -27.69 10.44
CA PHE B 158 -8.81 -28.03 9.03
C PHE B 158 -10.01 -28.96 8.83
N LYS B 159 -10.11 -29.97 9.68
CA LYS B 159 -11.21 -30.92 9.57
C LYS B 159 -12.53 -30.20 9.85
N THR B 160 -12.53 -29.24 10.79
CA THR B 160 -13.71 -28.43 11.09
C THR B 160 -14.11 -27.61 9.86
N LEU B 161 -13.13 -27.01 9.17
CA LEU B 161 -13.40 -26.27 7.94
C LEU B 161 -14.04 -27.19 6.89
N VAL B 162 -13.47 -28.37 6.73
CA VAL B 162 -13.93 -29.24 5.67
C VAL B 162 -15.33 -29.80 6.01
N GLU B 163 -15.58 -30.15 7.29
CA GLU B 163 -16.92 -30.52 7.75
C GLU B 163 -17.95 -29.48 7.32
N HIS B 164 -17.62 -28.21 7.53
CA HIS B 164 -18.51 -27.12 7.19
C HIS B 164 -18.73 -27.04 5.67
N ILE B 165 -17.64 -27.20 4.90
CA ILE B 165 -17.76 -27.15 3.45
C ILE B 165 -18.69 -28.26 2.99
N LYS B 166 -18.52 -29.45 3.52
CA LYS B 166 -19.42 -30.55 3.15
C LYS B 166 -20.86 -30.19 3.47
N LYS B 167 -21.09 -29.61 4.65
CA LYS B 167 -22.43 -29.25 5.09
C LYS B 167 -23.08 -28.22 4.15
N VAL B 168 -22.30 -27.23 3.66
CA VAL B 168 -22.88 -26.15 2.86
C VAL B 168 -22.67 -26.37 1.36
N ASP B 169 -21.98 -27.43 0.94
CA ASP B 169 -21.51 -27.48 -0.45
C ASP B 169 -21.53 -28.88 -1.05
N GLN B 170 -21.83 -29.92 -0.28
CA GLN B 170 -21.75 -31.27 -0.81
C GLN B 170 -22.67 -31.47 -2.02
N ALA B 171 -23.80 -30.75 -2.09
CA ALA B 171 -24.74 -30.97 -3.17
C ALA B 171 -24.38 -30.18 -4.42
N THR B 172 -23.67 -29.05 -4.28
CA THR B 172 -23.38 -28.15 -5.38
C THR B 172 -21.96 -28.36 -5.90
N GLY B 173 -20.98 -28.52 -4.99
CA GLY B 173 -19.60 -28.70 -5.39
C GLY B 173 -18.97 -27.44 -5.98
N THR B 174 -19.18 -26.31 -5.30
CA THR B 174 -18.45 -25.10 -5.64
C THR B 174 -16.96 -25.30 -5.32
N VAL B 175 -16.69 -25.92 -4.16
CA VAL B 175 -15.34 -26.27 -3.73
C VAL B 175 -14.92 -27.59 -4.37
N ILE B 176 -13.83 -27.54 -5.16
CA ILE B 176 -13.42 -28.73 -5.95
C ILE B 176 -12.04 -29.25 -5.53
N ALA B 177 -11.32 -28.53 -4.68
CA ALA B 177 -10.02 -28.94 -4.23
C ALA B 177 -9.60 -28.19 -2.97
N LEU B 178 -8.57 -28.74 -2.33
CA LEU B 178 -8.01 -28.25 -1.10
C LEU B 178 -6.49 -28.25 -1.17
N GLN B 179 -5.90 -27.22 -0.61
CA GLN B 179 -4.45 -27.10 -0.51
C GLN B 179 -4.06 -26.85 0.93
N PRO B 180 -3.69 -27.89 1.68
CA PRO B 180 -3.30 -27.70 3.08
C PRO B 180 -1.91 -27.09 3.23
N GLU B 181 -1.83 -25.94 3.91
CA GLU B 181 -0.58 -25.21 4.07
C GLU B 181 -0.20 -24.55 2.76
N ASN B 182 0.91 -23.81 2.77
CA ASN B 182 1.38 -23.15 1.56
C ASN B 182 2.90 -23.07 1.59
N GLU B 183 3.51 -23.73 0.62
CA GLU B 183 4.96 -23.69 0.42
C GLU B 183 5.65 -23.87 1.76
N VAL B 184 5.53 -25.07 2.34
CA VAL B 184 6.07 -25.33 3.66
C VAL B 184 7.58 -25.56 3.59
N GLY B 185 8.23 -25.47 4.77
CA GLY B 185 9.65 -25.79 4.89
C GLY B 185 10.40 -24.73 5.70
N ILE B 186 11.64 -25.05 6.10
CA ILE B 186 12.47 -24.16 6.87
C ILE B 186 13.60 -23.62 5.99
N PHE B 187 14.00 -22.38 6.27
CA PHE B 187 15.15 -21.83 5.61
C PHE B 187 16.42 -22.18 6.37
N GLN B 188 16.59 -23.47 6.64
CA GLN B 188 17.77 -23.96 7.35
C GLN B 188 17.97 -25.40 6.91
N GLY B 189 19.18 -25.89 7.20
CA GLY B 189 19.60 -27.25 6.89
C GLY B 189 18.80 -28.30 7.66
N MET B 190 18.42 -27.93 8.89
CA MET B 190 17.57 -28.72 9.76
C MET B 190 17.01 -27.79 10.85
N ASP B 191 15.98 -28.27 11.54
CA ASP B 191 15.49 -27.67 12.75
C ASP B 191 16.40 -28.10 13.89
N TYR B 192 16.82 -27.14 14.75
CA TYR B 192 17.69 -27.47 15.89
C TYR B 192 16.90 -27.57 17.18
N SER B 193 15.57 -27.68 17.11
CA SER B 193 14.78 -27.91 18.30
C SER B 193 15.23 -29.25 18.86
N LYS B 194 15.09 -29.45 20.17
CA LYS B 194 15.42 -30.72 20.80
C LYS B 194 14.71 -31.89 20.10
N ALA B 195 13.42 -31.76 19.79
CA ALA B 195 12.68 -32.86 19.17
C ALA B 195 13.24 -33.19 17.78
N SER B 196 13.67 -32.16 17.04
CA SER B 196 14.27 -32.37 15.72
C SER B 196 15.56 -33.17 15.85
N LEU B 197 16.41 -32.75 16.80
CA LEU B 197 17.72 -33.36 16.98
C LEU B 197 17.53 -34.86 17.31
N ALA B 198 16.51 -35.14 18.12
CA ALA B 198 16.20 -36.49 18.54
C ALA B 198 15.66 -37.31 17.36
N ALA B 199 14.86 -36.67 16.49
CA ALA B 199 14.28 -37.37 15.36
C ALA B 199 15.37 -37.80 14.38
N TYR B 200 16.40 -36.97 14.23
CA TYR B 200 17.47 -37.25 13.31
C TYR B 200 18.21 -38.55 13.67
N GLU B 201 18.20 -38.90 14.98
CA GLU B 201 18.92 -40.05 15.49
C GLU B 201 18.11 -41.34 15.31
N GLN B 202 16.81 -41.25 14.95
CA GLN B 202 15.92 -42.41 14.94
C GLN B 202 16.08 -43.27 13.69
N GLU B 203 15.51 -44.47 13.79
CA GLU B 203 15.44 -45.42 12.69
C GLU B 203 14.64 -44.83 11.53
N VAL B 204 15.11 -45.04 10.30
CA VAL B 204 14.37 -44.60 9.12
C VAL B 204 13.03 -45.34 9.10
N PRO B 205 11.88 -44.67 8.91
CA PRO B 205 10.59 -45.35 8.95
C PRO B 205 10.54 -46.41 7.86
N GLN B 206 9.95 -47.56 8.20
CA GLN B 206 9.89 -48.67 7.26
C GLN B 206 9.01 -48.26 6.08
N ALA B 207 8.03 -47.37 6.26
CA ALA B 207 7.21 -47.00 5.11
C ALA B 207 8.07 -46.35 4.00
N LEU B 208 9.13 -45.62 4.35
CA LEU B 208 10.03 -45.01 3.37
C LEU B 208 10.89 -46.09 2.69
N ILE B 209 11.51 -46.93 3.51
CA ILE B 209 12.37 -48.00 2.99
C ILE B 209 11.59 -48.84 1.98
N GLN B 210 10.37 -49.24 2.37
CA GLN B 210 9.51 -50.11 1.56
C GLN B 210 9.09 -49.41 0.27
N TYR B 211 8.87 -48.08 0.34
CA TYR B 211 8.58 -47.35 -0.88
C TYR B 211 9.81 -47.33 -1.78
N MET B 212 11.01 -47.17 -1.21
CA MET B 212 12.20 -47.07 -2.04
C MET B 212 12.48 -48.43 -2.72
N LYS B 213 12.29 -49.53 -2.00
CA LYS B 213 12.51 -50.86 -2.58
C LYS B 213 11.54 -51.10 -3.74
N LYS B 214 10.27 -50.82 -3.50
CA LYS B 214 9.21 -51.09 -4.45
C LYS B 214 9.35 -50.20 -5.69
N ASN B 215 9.86 -48.96 -5.54
CA ASN B 215 9.85 -48.01 -6.63
C ASN B 215 11.26 -47.70 -7.10
N ARG B 216 12.19 -48.59 -6.78
CA ARG B 216 13.59 -48.30 -6.97
C ARG B 216 13.93 -47.79 -8.37
N LYS B 217 13.32 -48.36 -9.41
CA LYS B 217 13.69 -47.99 -10.77
C LYS B 217 13.31 -46.55 -11.09
N ASN B 218 12.32 -46.00 -10.38
CA ASN B 218 11.73 -44.73 -10.78
C ASN B 218 11.93 -43.66 -9.71
N LEU B 219 12.82 -43.91 -8.77
CA LEU B 219 13.12 -42.97 -7.71
C LEU B 219 13.83 -41.78 -8.35
N ARG B 220 13.61 -40.59 -7.77
CA ARG B 220 14.42 -39.46 -8.11
C ARG B 220 15.88 -39.82 -7.91
N LYS B 221 16.73 -39.38 -8.84
CA LYS B 221 18.17 -39.64 -8.78
C LYS B 221 18.80 -39.00 -7.53
N GLU B 222 18.19 -37.92 -7.03
CA GLU B 222 18.67 -37.24 -5.84
C GLU B 222 18.54 -38.15 -4.60
N LEU B 223 17.46 -38.92 -4.52
CA LEU B 223 17.31 -39.82 -3.39
C LEU B 223 18.14 -41.09 -3.60
N LEU B 224 18.03 -41.66 -4.80
CA LEU B 224 18.69 -42.93 -5.09
C LEU B 224 20.20 -42.82 -4.88
N SER B 225 20.79 -41.69 -5.30
CA SER B 225 22.24 -41.58 -5.27
C SER B 225 22.78 -41.49 -3.85
N VAL B 226 22.08 -40.77 -2.97
CA VAL B 226 22.46 -40.71 -1.57
C VAL B 226 22.28 -42.07 -0.91
N TRP B 227 21.15 -42.72 -1.16
CA TRP B 227 20.87 -44.03 -0.59
C TRP B 227 21.99 -45.01 -0.99
N GLU B 228 22.29 -45.01 -2.28
CA GLU B 228 23.22 -45.99 -2.83
C GLU B 228 24.66 -45.73 -2.41
N GLU B 229 25.03 -44.46 -2.26
CA GLU B 229 26.34 -44.06 -1.75
C GLU B 229 26.54 -44.65 -0.35
N ASN B 230 25.46 -44.88 0.40
CA ASN B 230 25.57 -45.38 1.77
C ASN B 230 25.21 -46.86 1.86
N GLY B 231 25.15 -47.55 0.73
CA GLY B 231 24.98 -48.99 0.71
C GLY B 231 23.57 -49.46 0.38
N ALA B 232 22.65 -48.52 0.14
CA ALA B 232 21.25 -48.86 -0.12
C ALA B 232 20.70 -49.83 0.95
N ARG B 233 20.93 -49.46 2.22
CA ARG B 233 20.51 -50.27 3.35
C ARG B 233 19.01 -50.19 3.56
N THR B 234 18.43 -51.29 4.07
CA THR B 234 16.99 -51.39 4.25
C THR B 234 16.63 -51.31 5.74
N SER B 235 17.57 -50.86 6.57
CA SER B 235 17.24 -50.54 7.95
C SER B 235 18.41 -49.76 8.51
N GLY B 236 18.21 -49.20 9.70
CA GLY B 236 19.18 -48.32 10.32
C GLY B 236 18.62 -46.91 10.49
N ALA B 237 19.45 -46.08 11.15
CA ALA B 237 19.10 -44.71 11.45
C ALA B 237 19.30 -43.84 10.20
N TRP B 238 18.71 -42.63 10.20
CA TRP B 238 18.85 -41.69 9.11
C TRP B 238 20.30 -41.56 8.66
N LYS B 239 21.22 -41.32 9.60
CA LYS B 239 22.61 -41.06 9.23
C LYS B 239 23.27 -42.36 8.76
N THR B 240 22.80 -43.53 9.19
CA THR B 240 23.28 -44.79 8.62
C THR B 240 22.77 -44.98 7.19
N VAL B 241 21.47 -44.77 6.96
CA VAL B 241 20.89 -45.08 5.65
C VAL B 241 21.27 -44.02 4.60
N PHE B 242 21.43 -42.75 4.99
CA PHE B 242 21.64 -41.69 4.01
C PHE B 242 22.89 -40.84 4.27
N GLY B 243 23.71 -41.23 5.26
CA GLY B 243 24.91 -40.48 5.59
C GLY B 243 24.57 -39.33 6.52
N ASP B 244 25.63 -38.64 6.97
CA ASP B 244 25.55 -37.45 7.79
C ASP B 244 25.87 -36.27 6.89
N ASN B 245 24.83 -35.59 6.43
CA ASN B 245 25.02 -34.60 5.36
C ASN B 245 23.72 -33.81 5.19
N ALA B 246 23.76 -32.88 4.23
CA ALA B 246 22.65 -31.98 4.00
C ALA B 246 21.44 -32.74 3.50
N TRP B 247 21.67 -33.80 2.73
CA TRP B 247 20.56 -34.52 2.09
C TRP B 247 19.79 -35.35 3.11
N SER B 248 20.51 -36.11 3.95
CA SER B 248 19.92 -36.88 5.03
C SER B 248 19.12 -35.94 5.92
N LYS B 249 19.66 -34.77 6.21
CA LYS B 249 18.94 -33.78 7.01
C LYS B 249 17.66 -33.34 6.30
N SER B 250 17.74 -33.10 4.98
CA SER B 250 16.56 -32.70 4.23
C SER B 250 15.55 -33.83 4.22
N PHE B 251 16.03 -35.08 4.15
CA PHE B 251 15.13 -36.20 3.97
C PHE B 251 14.31 -36.42 5.23
N TYR B 252 14.92 -36.35 6.42
CA TYR B 252 14.12 -36.59 7.61
C TYR B 252 13.23 -35.36 7.91
N THR B 253 13.72 -34.16 7.56
CA THR B 253 12.91 -32.96 7.66
C THR B 253 11.68 -33.09 6.77
N THR B 254 11.89 -33.49 5.51
CA THR B 254 10.80 -33.66 4.57
C THR B 254 9.82 -34.73 5.06
N TRP B 255 10.35 -35.89 5.50
CA TRP B 255 9.51 -36.94 6.05
C TRP B 255 8.59 -36.35 7.12
N GLN B 256 9.11 -35.50 8.01
CA GLN B 256 8.32 -34.99 9.12
C GLN B 256 7.19 -34.09 8.60
N TYR B 257 7.55 -33.19 7.68
CA TYR B 257 6.56 -32.29 7.09
C TYR B 257 5.45 -33.04 6.38
N ALA B 258 5.82 -34.04 5.58
CA ALA B 258 4.83 -34.77 4.80
C ALA B 258 3.94 -35.55 5.74
N THR B 259 4.53 -36.08 6.82
CA THR B 259 3.84 -36.86 7.83
C THR B 259 2.84 -35.98 8.60
N TYR B 260 3.28 -34.80 9.00
CA TYR B 260 2.41 -33.89 9.76
C TYR B 260 1.22 -33.45 8.91
N ILE B 261 1.49 -33.12 7.65
CA ILE B 261 0.45 -32.63 6.75
C ILE B 261 -0.44 -33.76 6.32
N ASP B 262 0.11 -34.98 6.13
CA ASP B 262 -0.73 -36.12 5.84
C ASP B 262 -1.80 -36.31 6.92
N PHE B 263 -1.38 -36.17 8.18
CA PHE B 263 -2.29 -36.30 9.31
C PHE B 263 -3.42 -35.27 9.21
N ILE B 264 -3.10 -34.03 8.82
CA ILE B 264 -4.10 -32.99 8.67
C ILE B 264 -5.04 -33.37 7.55
N SER B 265 -4.50 -33.80 6.41
CA SER B 265 -5.34 -34.18 5.28
C SER B 265 -6.22 -35.40 5.61
N ALA B 266 -5.66 -36.42 6.26
CA ALA B 266 -6.41 -37.64 6.55
C ALA B 266 -7.70 -37.36 7.32
N GLY B 267 -7.65 -36.47 8.31
CA GLY B 267 -8.84 -36.15 9.05
C GLY B 267 -9.95 -35.65 8.12
N ALA B 268 -9.57 -34.84 7.12
CA ALA B 268 -10.53 -34.31 6.17
C ALA B 268 -11.03 -35.39 5.21
N LYS B 269 -10.07 -36.16 4.68
CA LYS B 269 -10.40 -37.20 3.72
C LYS B 269 -11.43 -38.18 4.29
N GLU B 270 -11.35 -38.43 5.61
CA GLU B 270 -12.20 -39.40 6.26
C GLU B 270 -13.66 -38.93 6.22
N ILE B 271 -13.93 -37.62 6.27
CA ILE B 271 -15.31 -37.16 6.29
C ILE B 271 -15.76 -36.56 4.96
N TYR B 272 -14.84 -36.05 4.12
CA TYR B 272 -15.26 -35.45 2.85
C TYR B 272 -14.05 -35.38 1.92
N PRO B 273 -13.77 -36.46 1.18
CA PRO B 273 -12.53 -36.54 0.42
C PRO B 273 -12.60 -35.74 -0.88
N LEU B 274 -11.85 -34.64 -0.90
CA LEU B 274 -11.68 -33.80 -2.09
C LEU B 274 -10.24 -33.92 -2.57
N PRO B 275 -10.02 -33.72 -3.89
CA PRO B 275 -8.67 -33.64 -4.44
C PRO B 275 -7.84 -32.67 -3.61
N THR B 276 -6.69 -33.14 -3.15
CA THR B 276 -5.91 -32.39 -2.19
C THR B 276 -4.48 -32.28 -2.75
N PHE B 277 -3.91 -31.07 -2.75
CA PHE B 277 -2.56 -30.86 -3.27
C PHE B 277 -1.76 -30.02 -2.28
N CYS B 278 -0.44 -30.21 -2.27
CA CYS B 278 0.47 -29.33 -1.55
C CYS B 278 1.46 -28.75 -2.55
N ASN B 279 1.81 -27.48 -2.36
CA ASN B 279 2.53 -26.70 -3.34
C ASN B 279 3.93 -26.37 -2.81
N CYS B 280 4.89 -26.28 -3.73
CA CYS B 280 6.24 -25.95 -3.33
C CYS B 280 6.76 -24.65 -3.94
N TRP B 281 7.59 -24.04 -3.11
CA TRP B 281 8.58 -23.08 -3.55
C TRP B 281 9.77 -23.83 -4.14
N LEU B 282 10.01 -23.62 -5.44
CA LEU B 282 11.00 -24.37 -6.23
C LEU B 282 12.44 -24.15 -5.77
N VAL B 283 13.27 -25.18 -5.96
CA VAL B 283 14.71 -25.03 -5.99
C VAL B 283 15.01 -24.03 -7.09
N GLN B 284 15.45 -22.83 -6.70
CA GLN B 284 15.53 -21.72 -7.64
C GLN B 284 16.70 -21.88 -8.61
N LYS B 285 17.81 -22.46 -8.15
CA LYS B 285 18.97 -22.64 -9.00
C LYS B 285 19.58 -24.02 -8.71
N PRO B 286 20.19 -24.69 -9.72
CA PRO B 286 20.51 -26.11 -9.56
C PRO B 286 21.45 -26.42 -8.39
N ASP B 287 22.36 -25.51 -8.06
CA ASP B 287 23.31 -25.75 -6.97
C ASP B 287 22.70 -25.54 -5.58
N ASP B 288 21.46 -25.00 -5.50
CA ASP B 288 20.94 -24.54 -4.23
C ASP B 288 20.77 -25.71 -3.26
N MET B 289 21.19 -25.52 -2.02
CA MET B 289 21.03 -26.51 -0.97
C MET B 289 19.68 -26.34 -0.27
N PRO B 290 19.11 -27.42 0.29
CA PRO B 290 17.90 -27.32 1.13
C PRO B 290 18.05 -26.24 2.19
N GLY B 291 17.03 -25.36 2.31
CA GLY B 291 17.15 -24.24 3.23
C GLY B 291 17.38 -22.91 2.50
N VAL B 292 17.98 -22.92 1.31
CA VAL B 292 17.92 -21.73 0.49
C VAL B 292 16.51 -21.62 -0.10
N TYR B 293 15.92 -22.73 -0.51
CA TYR B 293 14.46 -22.83 -0.59
C TYR B 293 13.93 -23.51 0.68
N PRO B 294 12.60 -23.52 0.90
CA PRO B 294 12.04 -24.22 2.06
C PRO B 294 12.37 -25.73 2.03
N ASN B 295 13.15 -26.12 3.04
CA ASN B 295 13.59 -27.48 3.32
C ASN B 295 12.42 -28.20 4.00
N GLY B 296 11.77 -29.12 3.28
CA GLY B 296 10.59 -29.77 3.81
C GLY B 296 9.49 -29.81 2.77
N GLY B 297 9.48 -28.80 1.90
CA GLY B 297 8.44 -28.69 0.89
C GLY B 297 8.58 -29.77 -0.18
N PRO B 298 7.50 -29.99 -0.94
CA PRO B 298 7.48 -31.02 -1.98
C PRO B 298 8.11 -30.61 -3.30
N VAL B 299 9.36 -30.17 -3.23
CA VAL B 299 10.11 -30.00 -4.45
C VAL B 299 10.36 -31.39 -5.07
N SER B 300 10.59 -31.41 -6.40
CA SER B 300 10.70 -32.64 -7.15
C SER B 300 11.78 -33.57 -6.58
N ARG B 301 12.87 -33.01 -6.05
CA ARG B 301 14.01 -33.75 -5.48
C ARG B 301 13.55 -34.76 -4.41
N VAL B 302 12.53 -34.38 -3.64
CA VAL B 302 12.02 -35.20 -2.54
C VAL B 302 10.62 -35.75 -2.84
N MET B 303 10.23 -35.77 -4.12
CA MET B 303 8.89 -36.22 -4.50
C MET B 303 8.59 -37.60 -3.91
N ASP B 304 9.58 -38.50 -3.91
CA ASP B 304 9.39 -39.88 -3.45
C ASP B 304 9.08 -39.92 -1.95
N ILE B 305 9.73 -39.03 -1.21
CA ILE B 305 9.55 -39.00 0.23
C ILE B 305 8.14 -38.55 0.57
N TRP B 306 7.67 -37.50 -0.14
CA TRP B 306 6.29 -37.03 0.00
C TRP B 306 5.29 -38.11 -0.39
N LYS B 307 5.55 -38.84 -1.49
CA LYS B 307 4.59 -39.86 -1.92
C LYS B 307 4.55 -40.98 -0.88
N ALA B 308 5.71 -41.31 -0.29
CA ALA B 308 5.76 -42.42 0.65
C ALA B 308 5.07 -42.07 1.96
N ALA B 309 5.25 -40.80 2.38
CA ALA B 309 4.80 -40.30 3.66
C ALA B 309 3.34 -39.85 3.63
N ALA B 310 2.82 -39.39 2.48
CA ALA B 310 1.58 -38.63 2.50
C ALA B 310 0.56 -39.14 1.46
N PRO B 311 0.02 -40.37 1.61
CA PRO B 311 -0.97 -40.88 0.66
C PRO B 311 -2.30 -40.12 0.65
N HIS B 312 -2.55 -39.25 1.65
CA HIS B 312 -3.77 -38.46 1.69
C HIS B 312 -3.56 -37.14 0.96
N ILE B 313 -2.37 -36.95 0.37
CA ILE B 313 -2.09 -35.81 -0.49
C ILE B 313 -1.98 -36.35 -1.91
N ASP B 314 -2.88 -35.88 -2.80
CA ASP B 314 -3.04 -36.43 -4.13
C ASP B 314 -1.96 -35.95 -5.08
N VAL B 315 -1.60 -34.66 -4.99
CA VAL B 315 -0.76 -34.06 -6.01
C VAL B 315 0.27 -33.14 -5.35
N LEU B 316 1.49 -33.19 -5.88
CA LEU B 316 2.50 -32.24 -5.46
C LEU B 316 2.58 -31.18 -6.58
N ALA B 317 2.35 -29.91 -6.20
CA ALA B 317 1.99 -28.85 -7.14
C ALA B 317 3.04 -27.75 -7.18
N PRO B 318 3.79 -27.57 -8.29
CA PRO B 318 4.81 -26.51 -8.33
C PRO B 318 4.20 -25.13 -8.51
N ASP B 319 4.72 -24.19 -7.71
CA ASP B 319 4.55 -22.78 -7.94
C ASP B 319 5.71 -22.36 -8.82
N ILE B 320 5.42 -21.76 -9.98
CA ILE B 320 6.45 -21.52 -10.96
C ILE B 320 6.48 -20.04 -11.33
N TYR B 321 7.57 -19.36 -10.96
CA TYR B 321 7.76 -17.98 -11.42
C TYR B 321 9.06 -17.83 -12.21
N LEU B 322 9.71 -18.94 -12.58
CA LEU B 322 10.97 -18.85 -13.30
C LEU B 322 10.72 -19.04 -14.79
N SER B 323 11.67 -18.60 -15.61
CA SER B 323 11.49 -18.60 -17.05
C SER B 323 11.69 -19.98 -17.69
N ASP B 324 12.33 -20.91 -16.97
CA ASP B 324 12.64 -22.22 -17.53
C ASP B 324 11.43 -23.16 -17.48
N PHE B 325 10.30 -22.68 -18.00
CA PHE B 325 9.02 -23.27 -17.65
C PHE B 325 8.91 -24.71 -18.12
N LYS B 326 9.32 -24.98 -19.36
CA LYS B 326 9.06 -26.29 -19.96
C LYS B 326 9.84 -27.36 -19.19
N ASN B 327 11.08 -27.03 -18.81
CA ASN B 327 11.87 -28.05 -18.12
C ASN B 327 11.28 -28.31 -16.74
N ILE B 328 10.81 -27.23 -16.08
CA ILE B 328 10.28 -27.30 -14.73
C ILE B 328 9.03 -28.18 -14.74
N VAL B 329 8.08 -27.90 -15.62
CA VAL B 329 6.85 -28.68 -15.61
C VAL B 329 7.13 -30.16 -15.90
N ALA B 330 8.09 -30.45 -16.82
CA ALA B 330 8.42 -31.83 -17.13
C ALA B 330 9.00 -32.52 -15.89
N ASP B 331 9.68 -31.75 -15.04
CA ASP B 331 10.31 -32.29 -13.83
C ASP B 331 9.28 -32.74 -12.79
N TYR B 332 8.07 -32.11 -12.78
CA TYR B 332 7.06 -32.34 -11.76
C TYR B 332 6.00 -33.31 -12.23
N HIS B 333 5.82 -33.42 -13.55
CA HIS B 333 4.82 -34.29 -14.14
C HIS B 333 5.33 -35.72 -14.22
N ARG B 334 4.72 -36.63 -13.45
CA ARG B 334 5.15 -38.02 -13.41
C ARG B 334 3.91 -38.92 -13.50
N ALA B 335 4.08 -40.25 -13.72
CA ALA B 335 2.95 -41.16 -13.76
C ALA B 335 2.11 -41.07 -12.49
N ASP B 336 2.76 -40.85 -11.35
CA ASP B 336 2.05 -40.72 -10.07
C ASP B 336 1.77 -39.27 -9.67
N ASN B 337 1.89 -38.31 -10.60
CA ASN B 337 1.79 -36.93 -10.18
C ASN B 337 1.35 -36.10 -11.36
N PRO B 338 0.04 -35.82 -11.51
CA PRO B 338 -0.44 -34.95 -12.58
C PRO B 338 0.10 -33.53 -12.37
N LEU B 339 0.22 -32.78 -13.46
CA LEU B 339 0.69 -31.40 -13.37
C LEU B 339 -0.42 -30.49 -12.89
N LEU B 340 -0.13 -29.77 -11.81
CA LEU B 340 -1.06 -28.81 -11.23
C LEU B 340 -0.22 -27.61 -10.77
N ILE B 341 -0.48 -26.44 -11.35
CA ILE B 341 0.34 -25.25 -11.14
C ILE B 341 -0.52 -24.20 -10.47
N PRO B 342 -0.48 -24.08 -9.13
CA PRO B 342 -1.40 -23.16 -8.43
C PRO B 342 -0.98 -21.71 -8.32
N GLY B 343 0.30 -21.43 -8.54
CA GLY B 343 0.82 -20.07 -8.59
C GLY B 343 1.84 -19.96 -9.71
N ALA B 344 1.62 -18.98 -10.59
CA ALA B 344 2.45 -18.87 -11.78
C ALA B 344 2.33 -17.45 -12.34
N VAL B 345 3.00 -17.24 -13.49
CA VAL B 345 3.06 -15.95 -14.14
C VAL B 345 1.83 -15.83 -15.03
N MET B 346 1.36 -14.60 -15.22
CA MET B 346 0.21 -14.36 -16.07
C MET B 346 0.66 -14.25 -17.52
N LYS B 347 0.91 -15.41 -18.12
CA LYS B 347 1.45 -15.57 -19.46
C LYS B 347 0.68 -16.71 -20.12
N PRO B 348 -0.05 -16.45 -21.21
CA PRO B 348 -0.87 -17.50 -21.81
C PRO B 348 -0.11 -18.66 -22.42
N ALA B 349 1.12 -18.42 -22.88
CA ALA B 349 1.93 -19.48 -23.44
C ALA B 349 2.05 -20.63 -22.45
N ASN B 350 2.28 -20.30 -21.18
CA ASN B 350 2.52 -21.26 -20.12
C ASN B 350 1.30 -22.14 -19.93
N ALA B 351 0.12 -21.54 -19.97
CA ALA B 351 -1.12 -22.29 -19.89
C ALA B 351 -1.26 -23.29 -21.03
N PHE B 352 -1.11 -22.82 -22.28
CA PHE B 352 -1.24 -23.75 -23.39
C PHE B 352 -0.23 -24.88 -23.27
N TRP B 353 1.02 -24.59 -22.87
CA TRP B 353 2.02 -25.65 -22.76
C TRP B 353 1.63 -26.66 -21.67
N ALA B 354 1.24 -26.14 -20.51
CA ALA B 354 0.90 -27.02 -19.42
C ALA B 354 -0.29 -27.91 -19.81
N PHE B 355 -1.32 -27.33 -20.42
CA PHE B 355 -2.55 -28.06 -20.68
C PHE B 355 -2.36 -29.06 -21.84
N GLY B 356 -1.62 -28.66 -22.88
CA GLY B 356 -1.55 -29.43 -24.11
C GLY B 356 -0.40 -30.45 -24.10
N GLU B 357 0.76 -30.05 -23.63
CA GLU B 357 1.90 -30.97 -23.61
C GLU B 357 1.78 -31.94 -22.42
N HIS B 358 1.25 -31.48 -21.28
CA HIS B 358 1.34 -32.25 -20.05
C HIS B 358 -0.01 -32.56 -19.41
N SER B 359 -1.10 -32.30 -20.15
CA SER B 359 -2.41 -32.69 -19.67
C SER B 359 -2.68 -32.15 -18.25
N ALA B 360 -2.26 -30.89 -17.97
CA ALA B 360 -2.31 -30.32 -16.62
C ALA B 360 -3.76 -30.17 -16.17
N LEU B 361 -3.97 -30.26 -14.85
CA LEU B 361 -5.26 -30.09 -14.20
C LEU B 361 -5.57 -28.62 -13.88
N CYS B 362 -4.52 -27.78 -13.76
CA CYS B 362 -4.71 -26.42 -13.26
C CYS B 362 -3.56 -25.56 -13.78
N TYR B 363 -3.87 -24.35 -14.26
CA TYR B 363 -2.88 -23.29 -14.39
C TYR B 363 -3.46 -22.06 -13.73
N SER B 364 -2.65 -21.36 -12.91
CA SER B 364 -3.18 -20.35 -12.04
C SER B 364 -2.17 -19.24 -11.81
N PRO B 365 -2.26 -18.11 -12.53
CA PRO B 365 -1.39 -16.98 -12.22
C PRO B 365 -1.66 -16.42 -10.82
N PHE B 366 -0.60 -16.05 -10.12
CA PHE B 366 -0.74 -15.47 -8.79
C PHE B 366 -1.05 -13.98 -8.89
N GLY B 367 -1.84 -13.48 -7.93
CA GLY B 367 -2.21 -12.08 -7.89
C GLY B 367 -3.16 -11.72 -9.03
N ILE B 368 -3.98 -12.69 -9.40
CA ILE B 368 -4.81 -12.62 -10.61
C ILE B 368 -5.69 -11.36 -10.62
N GLU B 369 -6.15 -10.91 -9.45
CA GLU B 369 -7.16 -9.87 -9.41
C GLU B 369 -6.58 -8.52 -9.85
N ASP B 370 -5.25 -8.40 -9.89
CA ASP B 370 -4.61 -7.16 -10.28
C ASP B 370 -4.39 -7.15 -11.80
N GLY B 371 -4.73 -8.25 -12.51
CA GLY B 371 -4.49 -8.33 -13.94
C GLY B 371 -5.77 -8.20 -14.77
N ALA B 372 -6.83 -7.60 -14.23
CA ALA B 372 -8.06 -7.47 -15.00
C ALA B 372 -7.78 -6.77 -16.33
N ASP B 373 -8.56 -7.06 -17.37
CA ASP B 373 -8.40 -6.34 -18.63
C ASP B 373 -7.00 -6.64 -19.22
N ASN B 374 -6.32 -7.72 -18.80
CA ASN B 374 -5.26 -8.34 -19.60
C ASN B 374 -5.95 -9.08 -20.73
N PHE B 375 -6.11 -8.41 -21.89
CA PHE B 375 -7.08 -8.84 -22.88
C PHE B 375 -6.64 -10.18 -23.49
N VAL B 376 -5.36 -10.30 -23.84
CA VAL B 376 -4.87 -11.50 -24.50
C VAL B 376 -4.99 -12.71 -23.59
N PHE B 377 -4.65 -12.54 -22.30
CA PHE B 377 -4.79 -13.63 -21.33
C PHE B 377 -6.25 -14.05 -21.21
N ALA B 378 -7.15 -13.06 -21.08
CA ALA B 378 -8.58 -13.33 -21.02
C ALA B 378 -9.06 -14.14 -22.24
N GLN B 379 -8.61 -13.76 -23.45
CA GLN B 379 -9.13 -14.39 -24.66
C GLN B 379 -8.48 -15.77 -24.79
N SER B 380 -7.27 -15.92 -24.24
CA SER B 380 -6.63 -17.21 -24.14
C SER B 380 -7.48 -18.14 -23.27
N TYR B 381 -7.94 -17.69 -22.10
CA TYR B 381 -8.79 -18.55 -21.27
C TYR B 381 -10.15 -18.83 -21.94
N LYS B 382 -10.69 -17.87 -22.69
CA LYS B 382 -11.90 -18.15 -23.47
C LYS B 382 -11.68 -19.31 -24.44
N VAL B 383 -10.57 -19.28 -25.19
CA VAL B 383 -10.27 -20.35 -26.14
C VAL B 383 -10.02 -21.69 -25.43
N LEU B 384 -9.28 -21.68 -24.32
CA LEU B 384 -9.04 -22.90 -23.55
C LEU B 384 -10.37 -23.46 -23.03
N ASN B 385 -11.28 -22.59 -22.60
CA ASN B 385 -12.60 -23.04 -22.16
C ASN B 385 -13.38 -23.76 -23.28
N GLU B 386 -13.37 -23.18 -24.48
CA GLU B 386 -13.99 -23.81 -25.64
C GLU B 386 -13.43 -25.21 -25.85
N LEU B 387 -12.13 -25.38 -25.56
CA LEU B 387 -11.43 -26.62 -25.82
C LEU B 387 -11.51 -27.61 -24.66
N ILE B 388 -12.05 -27.27 -23.49
CA ILE B 388 -11.91 -28.20 -22.37
C ILE B 388 -12.40 -29.60 -22.76
N PRO B 389 -13.61 -29.78 -23.35
CA PRO B 389 -14.07 -31.12 -23.70
C PRO B 389 -13.06 -31.92 -24.54
N LEU B 390 -12.44 -31.26 -25.55
CA LEU B 390 -11.54 -31.92 -26.47
C LEU B 390 -10.19 -32.21 -25.81
N ILE B 391 -9.66 -31.24 -25.05
CA ILE B 391 -8.42 -31.48 -24.30
C ILE B 391 -8.63 -32.67 -23.36
N SER B 392 -9.78 -32.68 -22.65
CA SER B 392 -10.12 -33.72 -21.67
C SER B 392 -10.13 -35.10 -22.34
N GLU B 393 -10.70 -35.18 -23.55
CA GLU B 393 -10.77 -36.44 -24.28
C GLU B 393 -9.37 -36.95 -24.65
N HIS B 394 -8.36 -36.06 -24.78
CA HIS B 394 -7.05 -36.49 -25.24
C HIS B 394 -5.99 -36.42 -24.15
N GLN B 395 -6.34 -36.21 -22.88
CA GLN B 395 -5.29 -36.13 -21.88
C GLN B 395 -4.60 -37.48 -21.76
N GLY B 396 -3.25 -37.45 -21.75
CA GLY B 396 -2.40 -38.62 -21.61
C GLY B 396 -2.17 -39.29 -22.95
N SER B 397 -2.80 -38.83 -24.04
CA SER B 397 -2.61 -39.59 -25.27
C SER B 397 -1.49 -38.96 -26.08
N ASP B 398 -0.95 -39.70 -27.04
CA ASP B 398 0.11 -39.15 -27.85
C ASP B 398 -0.49 -38.30 -28.97
N ARG B 399 -1.79 -38.07 -28.96
CA ARG B 399 -2.42 -37.29 -30.01
C ARG B 399 -2.54 -35.81 -29.64
N MET B 400 -2.04 -35.39 -28.46
CA MET B 400 -2.07 -33.99 -28.09
C MET B 400 -0.68 -33.53 -27.69
N ILE B 401 -0.29 -32.37 -28.20
CA ILE B 401 0.94 -31.71 -27.80
C ILE B 401 0.68 -30.25 -27.52
N GLY B 402 1.60 -29.65 -26.77
CA GLY B 402 1.61 -28.21 -26.66
C GLY B 402 2.51 -27.59 -27.73
N VAL B 403 2.40 -26.26 -27.82
CA VAL B 403 3.32 -25.45 -28.59
C VAL B 403 3.74 -24.25 -27.75
N MET B 404 5.05 -24.04 -27.65
CA MET B 404 5.53 -22.84 -26.98
C MET B 404 6.99 -22.63 -27.38
N LYS B 405 7.26 -21.53 -28.06
CA LYS B 405 8.61 -21.17 -28.44
C LYS B 405 9.37 -20.61 -27.22
N MET B 406 10.63 -21.00 -27.07
CA MET B 406 11.52 -20.39 -26.10
C MET B 406 12.59 -19.61 -26.86
N PRO B 407 13.22 -18.58 -26.25
CA PRO B 407 14.26 -17.79 -26.92
C PRO B 407 15.28 -18.66 -27.64
N GLY B 408 15.57 -18.29 -28.90
CA GLY B 408 16.54 -18.99 -29.71
C GLY B 408 16.02 -20.27 -30.36
N GLU B 409 14.71 -20.58 -30.26
CA GLU B 409 14.19 -21.74 -30.98
C GLU B 409 13.45 -21.23 -32.21
N SER B 410 13.47 -22.00 -33.29
CA SER B 410 12.82 -21.57 -34.52
C SER B 410 11.72 -22.54 -34.96
N GLU B 411 11.81 -23.83 -34.57
CA GLU B 411 10.82 -24.81 -35.00
C GLU B 411 10.68 -25.97 -34.01
N ARG B 412 9.53 -26.66 -34.10
CA ARG B 412 9.37 -27.99 -33.52
C ARG B 412 8.89 -28.95 -34.61
N THR B 413 9.55 -30.14 -34.72
CA THR B 413 9.13 -31.18 -35.65
C THR B 413 8.52 -32.32 -34.83
N VAL B 414 7.31 -32.77 -35.17
CA VAL B 414 6.74 -33.94 -34.53
C VAL B 414 6.11 -34.85 -35.60
N THR B 415 5.97 -36.13 -35.22
CA THR B 415 5.24 -37.11 -36.01
C THR B 415 3.90 -37.37 -35.34
N MET B 416 2.81 -37.32 -36.11
CA MET B 416 1.50 -37.65 -35.58
C MET B 416 0.77 -38.57 -36.57
N GLY B 417 0.68 -39.86 -36.23
CA GLY B 417 0.17 -40.85 -37.17
C GLY B 417 0.91 -40.80 -38.52
N ASP B 418 0.15 -40.62 -39.60
CA ASP B 418 0.67 -40.67 -40.95
C ASP B 418 1.38 -39.36 -41.35
N TYR B 419 1.40 -38.37 -40.47
CA TYR B 419 1.88 -37.05 -40.84
C TYR B 419 3.05 -36.59 -39.98
N GLN B 420 3.91 -35.79 -40.62
CA GLN B 420 4.96 -35.04 -39.97
C GLN B 420 4.49 -33.60 -39.93
N LEU B 421 4.59 -32.97 -38.75
CA LEU B 421 4.20 -31.59 -38.56
C LEU B 421 5.48 -30.81 -38.30
N CYS B 422 5.73 -29.80 -39.14
CA CYS B 422 6.77 -28.81 -38.90
C CYS B 422 6.12 -27.52 -38.43
N ILE B 423 6.30 -27.24 -37.13
CA ILE B 423 5.76 -26.07 -36.49
C ILE B 423 6.82 -24.99 -36.57
N LYS B 424 6.55 -23.88 -37.25
CA LYS B 424 7.49 -22.78 -37.37
C LYS B 424 6.92 -21.53 -36.72
N TYR B 425 7.77 -20.81 -35.97
CA TYR B 425 7.34 -19.69 -35.17
C TYR B 425 7.54 -18.40 -35.96
N ASP B 426 6.57 -17.47 -35.85
CA ASP B 426 6.54 -16.20 -36.56
C ASP B 426 6.71 -15.01 -35.62
N ALA B 427 6.88 -15.25 -34.32
CA ALA B 427 7.12 -14.17 -33.38
C ALA B 427 7.72 -14.76 -32.11
N GLU B 428 8.26 -13.90 -31.25
CA GLU B 428 8.86 -14.37 -30.02
C GLU B 428 7.80 -15.06 -29.17
N ASP B 429 6.59 -14.53 -29.21
CA ASP B 429 5.50 -15.03 -28.39
C ASP B 429 4.63 -15.95 -29.25
N ALA B 430 4.99 -17.23 -29.32
CA ALA B 430 4.31 -18.16 -30.19
C ALA B 430 3.89 -19.36 -29.36
N TYR B 431 2.59 -19.65 -29.29
CA TYR B 431 2.17 -20.74 -28.40
C TYR B 431 0.78 -21.24 -28.79
N GLY B 432 0.45 -22.42 -28.28
CA GLY B 432 -0.80 -23.05 -28.65
C GLY B 432 -0.85 -24.51 -28.25
N LEU B 433 -1.72 -25.27 -28.92
CA LEU B 433 -1.71 -26.71 -28.72
C LEU B 433 -2.25 -27.34 -29.99
N ILE B 434 -1.99 -28.66 -30.16
CA ILE B 434 -2.36 -29.39 -31.36
C ILE B 434 -2.88 -30.75 -30.93
N ILE B 435 -4.07 -31.08 -31.45
CA ILE B 435 -4.70 -32.36 -31.17
C ILE B 435 -4.99 -33.06 -32.50
N GLN B 436 -4.52 -34.29 -32.64
CA GLN B 436 -4.91 -35.06 -33.81
C GLN B 436 -6.22 -35.76 -33.45
N THR B 437 -7.32 -35.25 -33.99
CA THR B 437 -8.64 -35.70 -33.61
C THR B 437 -9.08 -36.84 -34.53
N GLY B 438 -8.34 -37.04 -35.62
CA GLY B 438 -8.75 -37.99 -36.63
C GLY B 438 -7.52 -38.47 -37.36
N LYS B 439 -7.62 -39.62 -38.03
CA LYS B 439 -6.54 -40.11 -38.87
C LYS B 439 -6.05 -38.98 -39.78
N ASN B 440 -7.02 -38.21 -40.32
CA ASN B 440 -6.69 -37.14 -41.26
C ASN B 440 -7.28 -35.79 -40.80
N GLU B 441 -7.23 -35.53 -39.49
CA GLU B 441 -7.86 -34.32 -38.97
C GLU B 441 -7.14 -33.86 -37.71
N PHE B 442 -6.94 -32.54 -37.62
CA PHE B 442 -6.24 -31.92 -36.51
C PHE B 442 -7.01 -30.70 -36.09
N VAL B 443 -7.01 -30.42 -34.77
CA VAL B 443 -7.40 -29.15 -34.23
C VAL B 443 -6.12 -28.46 -33.79
N VAL B 444 -5.90 -27.26 -34.29
CA VAL B 444 -4.76 -26.46 -33.87
C VAL B 444 -5.27 -25.18 -33.24
N ALA B 445 -4.76 -24.86 -32.03
CA ALA B 445 -5.11 -23.63 -31.34
C ALA B 445 -3.84 -22.85 -31.08
N GLY B 446 -3.96 -21.50 -31.13
CA GLY B 446 -2.88 -20.65 -30.70
C GLY B 446 -2.60 -19.50 -31.67
N ILE B 447 -1.34 -19.06 -31.68
CA ILE B 447 -0.98 -17.78 -32.24
C ILE B 447 0.53 -17.72 -32.53
N ASN B 448 0.82 -17.11 -33.69
CA ASN B 448 2.16 -16.70 -34.10
C ASN B 448 3.01 -17.92 -34.47
N PHE B 449 2.37 -18.99 -34.95
CA PHE B 449 3.13 -20.06 -35.58
C PHE B 449 2.41 -20.56 -36.82
N LYS B 450 3.12 -21.37 -37.60
CA LYS B 450 2.61 -21.99 -38.79
C LYS B 450 2.87 -23.50 -38.67
N VAL B 451 2.00 -24.32 -39.28
CA VAL B 451 2.22 -25.75 -39.34
C VAL B 451 2.25 -26.25 -40.79
N TYR B 452 3.35 -26.94 -41.16
CA TYR B 452 3.49 -27.59 -42.45
C TYR B 452 3.25 -29.08 -42.21
N PHE B 453 2.32 -29.65 -42.99
CA PHE B 453 1.97 -31.06 -42.90
C PHE B 453 2.56 -31.80 -44.11
N THR B 454 3.33 -32.86 -43.84
CA THR B 454 3.83 -33.76 -44.89
C THR B 454 3.56 -35.20 -44.46
N SER B 455 3.79 -36.13 -45.41
CA SER B 455 3.59 -37.55 -45.21
C SER B 455 4.78 -38.13 -44.45
N THR B 456 4.54 -38.90 -43.38
CA THR B 456 5.58 -39.70 -42.74
C THR B 456 6.22 -40.61 -43.78
N ASP B 457 5.36 -41.29 -44.54
CA ASP B 457 5.82 -42.23 -45.55
C ASP B 457 6.18 -41.46 -46.82
N LYS B 458 7.42 -41.67 -47.25
CA LYS B 458 8.04 -40.93 -48.33
C LYS B 458 7.55 -41.41 -49.69
N LYS B 459 6.85 -42.54 -49.75
CA LYS B 459 6.28 -43.00 -51.01
C LYS B 459 4.92 -42.35 -51.24
N LYS B 460 4.54 -41.41 -50.38
CA LYS B 460 3.27 -40.71 -50.50
C LYS B 460 3.49 -39.22 -50.30
N THR B 461 2.53 -38.44 -50.80
CA THR B 461 2.49 -36.99 -50.65
C THR B 461 1.35 -36.65 -49.72
N GLY B 462 1.68 -35.93 -48.64
CA GLY B 462 0.73 -35.45 -47.66
C GLY B 462 0.49 -33.95 -47.84
N TYR B 463 -0.78 -33.56 -47.69
CA TYR B 463 -1.12 -32.18 -47.92
C TYR B 463 -2.32 -31.80 -47.07
N ILE B 464 -2.41 -30.53 -46.76
CA ILE B 464 -3.66 -29.98 -46.26
C ILE B 464 -4.76 -30.18 -47.31
N LYS B 465 -5.91 -30.64 -46.83
CA LYS B 465 -7.10 -30.76 -47.64
C LYS B 465 -7.95 -29.51 -47.49
N GLN B 466 -8.42 -29.23 -46.27
CA GLN B 466 -9.20 -28.04 -46.01
C GLN B 466 -8.94 -27.50 -44.61
N VAL B 467 -9.03 -26.16 -44.50
CA VAL B 467 -8.81 -25.48 -43.25
C VAL B 467 -10.05 -24.67 -42.88
N TRP B 468 -10.49 -24.82 -41.62
N TRP B 468 -10.52 -24.87 -41.64
CA TRP B 468 -11.59 -24.03 -41.09
CA TRP B 468 -11.51 -23.97 -41.10
C TRP B 468 -11.20 -23.36 -39.76
C TRP B 468 -10.96 -23.26 -39.86
N GLU B 469 -11.44 -22.04 -39.70
CA GLU B 469 -11.28 -21.26 -38.48
C GLU B 469 -12.62 -21.26 -37.76
N GLY B 470 -12.60 -21.38 -36.43
CA GLY B 470 -13.82 -21.21 -35.68
C GLY B 470 -13.62 -21.29 -34.17
N GLY B 471 -14.65 -21.86 -33.54
CA GLY B 471 -14.75 -21.98 -32.10
C GLY B 471 -15.89 -22.92 -31.73
N TYR B 472 -16.00 -23.18 -30.42
CA TYR B 472 -17.07 -24.01 -29.92
C TYR B 472 -18.07 -23.09 -29.23
N ASP B 473 -19.37 -23.28 -29.52
CA ASP B 473 -20.39 -22.40 -28.96
C ASP B 473 -20.71 -22.82 -27.52
N THR B 474 -21.67 -22.16 -26.88
CA THR B 474 -22.05 -22.48 -25.51
C THR B 474 -22.63 -23.88 -25.33
N ASP B 475 -23.08 -24.55 -26.41
CA ASP B 475 -23.48 -25.95 -26.33
C ASP B 475 -22.31 -26.91 -26.56
N GLY B 476 -21.10 -26.42 -26.88
CA GLY B 476 -19.99 -27.33 -27.16
C GLY B 476 -19.89 -27.74 -28.63
N GLU B 477 -20.69 -27.11 -29.50
CA GLU B 477 -20.70 -27.44 -30.92
C GLU B 477 -19.70 -26.54 -31.66
N TRP B 478 -18.92 -27.16 -32.55
CA TRP B 478 -18.00 -26.45 -33.42
C TRP B 478 -18.79 -25.52 -34.33
N LYS B 479 -18.41 -24.23 -34.40
CA LYS B 479 -18.99 -23.31 -35.36
C LYS B 479 -17.85 -22.62 -36.11
N ALA B 480 -17.81 -22.82 -37.44
CA ALA B 480 -16.77 -22.26 -38.27
C ALA B 480 -17.07 -20.80 -38.58
N THR B 481 -16.06 -19.92 -38.50
CA THR B 481 -16.25 -18.52 -38.87
C THR B 481 -15.76 -18.30 -40.31
N ARG B 482 -14.74 -19.05 -40.76
CA ARG B 482 -14.28 -18.99 -42.14
C ARG B 482 -13.73 -20.34 -42.58
N LEU B 483 -13.86 -20.63 -43.86
CA LEU B 483 -13.01 -21.61 -44.53
C LEU B 483 -11.80 -20.84 -45.04
N LEU B 484 -10.65 -21.11 -44.42
CA LEU B 484 -9.44 -20.35 -44.69
C LEU B 484 -8.82 -21.05 -45.88
N ASN B 485 -8.54 -20.28 -46.94
CA ASN B 485 -7.88 -20.78 -48.13
C ASN B 485 -7.20 -19.60 -48.82
N GLY B 486 -6.65 -19.86 -50.00
CA GLY B 486 -6.00 -18.79 -50.75
C GLY B 486 -4.88 -18.17 -49.94
N ASP B 487 -4.88 -16.84 -49.87
CA ASP B 487 -3.83 -16.12 -49.16
C ASP B 487 -3.73 -16.58 -47.70
N GLU B 488 -4.86 -16.96 -47.11
CA GLU B 488 -4.93 -17.23 -45.67
C GLU B 488 -4.27 -18.56 -45.27
N THR B 489 -3.97 -19.42 -46.26
CA THR B 489 -3.29 -20.71 -46.05
C THR B 489 -2.15 -20.89 -47.05
N TYR B 490 -1.73 -19.81 -47.71
CA TYR B 490 -0.84 -19.90 -48.88
C TYR B 490 -1.26 -21.07 -49.80
N HIS B 491 -2.55 -21.07 -50.16
CA HIS B 491 -3.11 -22.00 -51.11
C HIS B 491 -2.92 -23.43 -50.58
N ASN B 492 -3.16 -23.56 -49.27
CA ASN B 492 -3.09 -24.78 -48.50
C ASN B 492 -1.68 -25.37 -48.47
N ALA B 493 -0.63 -24.55 -48.66
CA ALA B 493 0.73 -24.96 -48.40
C ALA B 493 0.96 -25.09 -46.89
N VAL B 494 0.15 -24.39 -46.07
CA VAL B 494 0.48 -24.25 -44.66
C VAL B 494 -0.73 -23.78 -43.87
N LEU B 495 -0.76 -24.18 -42.58
CA LEU B 495 -1.68 -23.60 -41.61
C LEU B 495 -1.00 -22.41 -40.98
N ILE B 496 -1.66 -21.25 -41.07
CA ILE B 496 -1.20 -20.07 -40.38
C ILE B 496 -2.09 -19.85 -39.15
N ALA B 497 -1.51 -19.89 -37.96
CA ALA B 497 -2.30 -19.75 -36.76
C ALA B 497 -2.10 -18.30 -36.36
N LYS B 498 -2.84 -17.43 -37.05
CA LYS B 498 -2.69 -16.00 -36.91
C LYS B 498 -3.36 -15.54 -35.62
N GLY B 499 -4.46 -16.21 -35.27
CA GLY B 499 -5.19 -15.92 -34.05
C GLY B 499 -6.51 -15.23 -34.35
N ARG B 500 -7.32 -15.01 -33.32
CA ARG B 500 -8.52 -14.22 -33.49
C ARG B 500 -8.16 -12.73 -33.36
N ARG B 501 -8.73 -11.90 -34.24
CA ARG B 501 -8.37 -10.49 -34.38
C ARG B 501 -9.39 -9.64 -33.64
N THR B 502 -8.88 -8.52 -33.13
CA THR B 502 -9.69 -7.47 -32.53
C THR B 502 -9.10 -6.11 -32.91
N PHE B 503 -9.83 -5.37 -33.75
CA PHE B 503 -9.40 -4.05 -34.16
C PHE B 503 -9.45 -3.15 -32.91
N THR B 504 -8.41 -2.30 -32.74
CA THR B 504 -8.41 -1.21 -31.77
C THR B 504 -8.90 0.09 -32.44
N SER B 505 -9.10 1.13 -31.61
CA SER B 505 -9.57 2.43 -32.04
C SER B 505 -8.51 3.15 -32.88
N GLU B 506 -7.22 2.83 -32.63
CA GLU B 506 -6.08 3.57 -33.14
C GLU B 506 -5.93 3.40 -34.65
N LYS B 507 -5.71 4.53 -35.35
CA LYS B 507 -5.55 4.56 -36.80
C LYS B 507 -4.22 3.93 -37.20
N SER B 508 -4.23 3.31 -38.40
CA SER B 508 -3.12 2.51 -38.89
C SER B 508 -2.67 2.96 -40.27
N ASN B 509 -3.62 3.48 -41.08
CA ASN B 509 -3.34 4.08 -42.38
C ASN B 509 -2.25 3.31 -43.11
N ASN B 510 -2.51 2.03 -43.43
CA ASN B 510 -1.49 1.13 -43.93
C ASN B 510 -1.93 0.56 -45.28
N TYR B 511 -1.60 1.27 -46.38
CA TYR B 511 -2.23 1.06 -47.67
C TYR B 511 -1.23 0.71 -48.76
N ASN B 512 0.07 0.64 -48.42
CA ASN B 512 1.15 0.43 -49.38
C ASN B 512 1.38 -1.07 -49.60
N ALA B 513 1.57 -1.49 -50.87
CA ALA B 513 1.92 -2.88 -51.15
C ALA B 513 3.27 -3.20 -50.50
N ASP B 514 3.35 -4.36 -49.82
CA ASP B 514 4.55 -4.80 -49.12
C ASP B 514 5.19 -5.95 -49.91
N HIS B 515 6.32 -5.67 -50.58
CA HIS B 515 7.05 -6.66 -51.36
C HIS B 515 8.35 -7.03 -50.63
N ILE B 519 6.06 -14.72 -50.24
CA ILE B 519 4.77 -14.87 -50.98
C ILE B 519 3.95 -13.60 -50.78
N PHE B 520 3.62 -12.92 -51.89
CA PHE B 520 2.93 -11.63 -51.86
C PHE B 520 1.47 -11.84 -51.43
N VAL B 521 1.07 -11.06 -50.39
CA VAL B 521 -0.32 -10.92 -49.99
C VAL B 521 -0.56 -9.40 -49.81
N TYR B 522 -1.67 -8.87 -50.38
CA TYR B 522 -1.99 -7.46 -50.16
C TYR B 522 -3.03 -7.39 -49.04
N SER B 523 -2.66 -6.72 -47.94
CA SER B 523 -3.45 -6.71 -46.72
C SER B 523 -3.51 -5.26 -46.20
N PRO B 524 -4.29 -4.37 -46.86
CA PRO B 524 -4.30 -2.96 -46.51
C PRO B 524 -4.98 -2.90 -45.14
N THR B 525 -4.62 -1.97 -44.29
CA THR B 525 -5.27 -1.98 -42.99
C THR B 525 -5.51 -0.52 -42.58
N SER B 526 -6.70 -0.32 -42.00
CA SER B 526 -7.13 1.00 -41.61
C SER B 526 -6.94 1.22 -40.12
N TYR B 527 -7.15 0.17 -39.31
CA TYR B 527 -6.87 0.21 -37.87
C TYR B 527 -5.74 -0.75 -37.50
N GLN B 528 -5.01 -0.37 -36.45
CA GLN B 528 -4.20 -1.29 -35.67
C GLN B 528 -5.14 -2.32 -35.04
N ALA B 529 -4.61 -3.52 -34.78
CA ALA B 529 -5.40 -4.63 -34.27
C ALA B 529 -4.66 -5.31 -33.11
N VAL B 530 -5.43 -6.02 -32.26
CA VAL B 530 -4.89 -6.91 -31.23
C VAL B 530 -5.29 -8.36 -31.52
N TRP B 531 -4.38 -9.29 -31.20
CA TRP B 531 -4.50 -10.68 -31.58
C TRP B 531 -4.38 -11.61 -30.36
N SER B 532 -5.20 -12.67 -30.36
CA SER B 532 -5.19 -13.69 -29.32
C SER B 532 -5.36 -15.04 -29.99
N PRO B 533 -5.18 -16.16 -29.28
CA PRO B 533 -5.20 -17.50 -29.89
C PRO B 533 -6.47 -17.74 -30.67
N GLY B 534 -6.33 -18.46 -31.77
CA GLY B 534 -7.46 -18.92 -32.55
C GLY B 534 -7.55 -20.45 -32.49
N ILE B 535 -8.62 -20.96 -33.06
CA ILE B 535 -8.86 -22.37 -33.16
C ILE B 535 -9.13 -22.73 -34.62
N TYR B 536 -8.42 -23.75 -35.11
CA TYR B 536 -8.41 -24.13 -36.51
C TYR B 536 -8.65 -25.63 -36.62
N ARG B 537 -9.48 -26.03 -37.57
CA ARG B 537 -9.67 -27.44 -37.83
C ARG B 537 -9.07 -27.70 -39.20
N VAL B 538 -8.13 -28.62 -39.26
CA VAL B 538 -7.44 -28.93 -40.48
C VAL B 538 -7.75 -30.36 -40.86
N THR B 539 -8.21 -30.56 -42.07
CA THR B 539 -8.26 -31.90 -42.62
C THR B 539 -7.05 -32.06 -43.54
N THR B 540 -6.52 -33.27 -43.59
CA THR B 540 -5.35 -33.58 -44.41
C THR B 540 -5.67 -34.77 -45.32
N TYR B 541 -4.80 -35.01 -46.32
CA TYR B 541 -4.96 -36.19 -47.16
C TYR B 541 -3.61 -36.66 -47.67
N LEU B 542 -3.56 -37.95 -47.98
CA LEU B 542 -2.39 -38.58 -48.59
C LEU B 542 -2.73 -38.97 -50.03
N ARG B 543 -1.76 -38.84 -50.93
CA ARG B 543 -1.92 -39.34 -52.29
C ARG B 543 -0.68 -40.17 -52.69
C1 GOL C . 5.91 35.20 2.30
O1 GOL C . 4.65 35.80 2.57
C2 GOL C . 6.82 35.21 3.51
O2 GOL C . 6.42 34.22 4.46
C3 GOL C . 8.30 35.06 3.15
O3 GOL C . 8.52 34.19 2.04
C1 GOL D . 0.99 35.51 2.08
O1 GOL D . 0.09 36.59 2.33
C2 GOL D . 1.63 35.65 0.70
O2 GOL D . 2.34 36.87 0.70
C3 GOL D . 2.58 34.55 0.22
O3 GOL D . 2.58 34.38 -1.20
#